data_5FPT
#
_entry.id   5FPT
#
_cell.length_a   91.602
_cell.length_b   110.621
_cell.length_c   140.780
_cell.angle_alpha   90.00
_cell.angle_beta   90.00
_cell.angle_gamma   90.00
#
_symmetry.space_group_name_H-M   'P 21 21 21'
#
loop_
_entity.id
_entity.type
_entity.pdbx_description
1 polymer 'HEPATITIS C VIRUS FULL-LENGTH NS3 COMPLEX'
2 non-polymer '(1-methyl-1H-indol-3-yl)acetic acid'
3 water water
#
_entity_poly.entity_id   1
_entity_poly.type   'polypeptide(L)'
_entity_poly.pdbx_seq_one_letter_code
;MGSSHHHHHHSSGLVPRGSHMGSVVIVGRIILSGSGSITAYSQQTRGLLGCIITSLTGRDKNQVEGEVQVVSTATQSFLA
TCVNGVCWTVYHGAGSKTLAGPKGPITQMYTNVDQDLVGWQAPPGARSLTPCTCGSSDLYLVTRHADVIPVRRRGDSRGS
LLSPRPVSYLKGSSGGPLLCPSGHAVGIFRAAVCTRGVAKAVDFVPVESMETTMRSPVFTDNSSPPAVPQSFQVAHLHAP
TGSGKSTKVPAAYAAQGYKVLVLNPSVAATLGFGAYMSKAHGIDPNIRTGVRTITTGAPVTYSTYGKFLADGGCSGGAYD
IIICDECHSTDSTTILGIGTVLDQAETAGARLVVLATATPPGSVTVPHPNIEEVALSNTGEIPFYGKAIPIEAIRGGRHL
IFCHSKKKCDELAAKLSGLGINAVAYYRGLDVSVIPTIGDVVVVATDALMTGYTGDFDSVIDCNTCVTQTVDFSLDPTFT
IETTTVPQDAVSRSQRRGRTGRGRRGIYRFVTPGERPSGMFDSSVLCECYDAGCAWYELTPAETSVRLRAYLNTPGLPVC
QDHLEFWESVFTGLTHIDAHFLSQTKQAGDNFPYLVAYQATVCARAQAPPPSWDQMWKCLIRLKPTLHGPTPLLYRLGAV
QNEVTLTHPITKYIMACMSADLEVVT
;
_entity_poly.pdbx_strand_id   A,B
#
# COMPACT_ATOMS: atom_id res chain seq x y z
N GLY A 22 -8.25 -4.29 19.84
CA GLY A 22 -8.14 -5.71 20.12
C GLY A 22 -6.80 -6.18 20.66
N SER A 23 -6.55 -7.51 20.67
CA SER A 23 -5.30 -8.11 21.13
C SER A 23 -4.39 -8.46 19.95
N VAL A 24 -3.10 -8.71 20.22
CA VAL A 24 -2.25 -9.33 19.21
C VAL A 24 -2.64 -10.83 19.22
N VAL A 25 -2.73 -11.46 18.05
CA VAL A 25 -3.07 -12.89 17.88
C VAL A 25 -1.92 -13.58 17.20
N ILE A 26 -1.44 -14.69 17.79
CA ILE A 26 -0.54 -15.66 17.12
C ILE A 26 -1.36 -16.38 16.02
N VAL A 27 -1.00 -16.13 14.74
CA VAL A 27 -1.59 -16.71 13.53
C VAL A 27 -0.74 -17.86 12.92
N GLY A 28 0.47 -18.07 13.44
CA GLY A 28 1.36 -19.09 12.92
C GLY A 28 2.65 -19.15 13.67
N ARG A 29 3.67 -19.84 13.09
CA ARG A 29 5.01 -19.98 13.66
C ARG A 29 6.12 -20.28 12.61
N ILE A 30 7.38 -19.88 12.91
CA ILE A 30 8.53 -20.33 12.14
C ILE A 30 9.11 -21.49 12.97
N ILE A 31 9.49 -22.65 12.32
CA ILE A 31 10.17 -23.80 12.92
C ILE A 31 11.66 -23.87 12.49
N LEU A 32 12.59 -23.62 13.43
CA LEU A 32 14.02 -23.59 13.11
C LEU A 32 14.66 -24.96 13.23
N SER A 33 15.53 -25.33 12.26
CA SER A 33 16.24 -26.62 12.22
C SER A 33 16.95 -26.90 13.57
N GLY A 34 16.86 -28.13 14.07
CA GLY A 34 17.49 -28.53 15.33
C GLY A 34 18.97 -28.82 15.18
N SER A 35 19.39 -29.17 13.97
CA SER A 35 20.71 -29.77 13.71
C SER A 35 21.30 -29.20 12.45
N GLY A 36 22.62 -29.05 12.47
CA GLY A 36 23.37 -28.50 11.35
C GLY A 36 22.94 -27.09 11.02
N SER A 37 23.04 -26.74 9.71
CA SER A 37 22.78 -25.41 9.15
C SER A 37 21.44 -24.91 9.61
N ILE A 38 21.34 -23.61 9.96
CA ILE A 38 20.06 -23.00 10.36
C ILE A 38 19.13 -22.85 9.13
N THR A 39 17.94 -23.47 9.19
CA THR A 39 16.89 -23.45 8.16
C THR A 39 15.54 -23.45 8.85
N ALA A 40 14.56 -22.84 8.21
CA ALA A 40 13.29 -22.56 8.83
C ALA A 40 12.15 -22.93 7.87
N TYR A 41 10.98 -23.19 8.41
CA TYR A 41 9.75 -23.37 7.68
C TYR A 41 8.65 -22.75 8.49
N SER A 42 7.56 -22.40 7.86
CA SER A 42 6.45 -21.84 8.55
C SER A 42 5.26 -22.78 8.59
N GLN A 43 4.50 -22.66 9.68
CA GLN A 43 3.20 -23.24 9.93
C GLN A 43 2.20 -22.11 10.08
N GLN A 44 1.02 -22.20 9.38
CA GLN A 44 -0.13 -21.31 9.58
C GLN A 44 -1.17 -22.04 10.43
N THR A 45 -1.52 -21.42 11.58
CA THR A 45 -2.36 -22.00 12.66
C THR A 45 -3.76 -21.34 12.81
N ARG A 46 -3.93 -20.14 12.23
CA ARG A 46 -5.22 -19.43 12.24
C ARG A 46 -5.35 -18.78 10.92
N GLY A 47 -6.55 -18.87 10.35
CA GLY A 47 -6.98 -18.12 9.17
C GLY A 47 -7.48 -16.74 9.54
N LEU A 48 -8.03 -15.97 8.58
CA LEU A 48 -8.33 -14.54 8.79
C LEU A 48 -9.49 -14.30 9.77
N LEU A 49 -10.58 -15.06 9.63
CA LEU A 49 -11.73 -14.89 10.50
C LEU A 49 -11.37 -15.26 11.95
N GLY A 50 -10.67 -16.38 12.10
CA GLY A 50 -10.20 -16.88 13.39
C GLY A 50 -9.30 -15.86 14.04
N CYS A 51 -8.47 -15.20 13.23
CA CYS A 51 -7.64 -14.14 13.73
C CYS A 51 -8.48 -12.98 14.28
N ILE A 52 -9.52 -12.52 13.53
CA ILE A 52 -10.40 -11.40 13.93
C ILE A 52 -11.18 -11.76 15.23
N ILE A 53 -11.79 -12.96 15.32
CA ILE A 53 -12.49 -13.33 16.54
C ILE A 53 -11.57 -13.27 17.75
N THR A 54 -10.38 -13.92 17.66
CA THR A 54 -9.40 -14.04 18.77
C THR A 54 -8.82 -12.64 19.21
N SER A 55 -8.74 -11.68 18.26
CA SER A 55 -8.45 -10.27 18.52
C SER A 55 -9.44 -9.61 19.48
N LEU A 56 -10.74 -9.98 19.39
CA LEU A 56 -11.87 -9.44 20.14
C LEU A 56 -12.00 -10.17 21.45
N THR A 57 -11.95 -11.53 21.43
CA THR A 57 -12.11 -12.30 22.68
C THR A 57 -10.87 -12.15 23.58
N GLY A 58 -9.69 -12.03 22.97
CA GLY A 58 -8.42 -12.07 23.70
C GLY A 58 -8.18 -13.46 24.22
N ARG A 59 -9.05 -14.42 23.85
CA ARG A 59 -8.97 -15.81 24.26
C ARG A 59 -8.46 -16.68 23.08
N ASP A 60 -7.28 -17.35 23.29
CA ASP A 60 -6.55 -18.23 22.35
C ASP A 60 -6.05 -19.49 23.07
N LYS A 61 -6.81 -20.59 22.95
CA LYS A 61 -6.46 -21.77 23.72
C LYS A 61 -5.54 -22.73 22.94
N ASN A 62 -5.17 -22.36 21.67
CA ASN A 62 -4.13 -23.07 20.91
C ASN A 62 -2.82 -23.08 21.69
N GLN A 63 -2.11 -24.21 21.69
CA GLN A 63 -0.80 -24.28 22.33
C GLN A 63 0.21 -23.53 21.49
N VAL A 64 0.99 -22.67 22.13
CA VAL A 64 2.18 -22.00 21.60
C VAL A 64 3.32 -23.06 21.51
N GLU A 65 3.63 -23.46 20.27
CA GLU A 65 4.77 -24.28 19.93
C GLU A 65 5.71 -23.37 19.19
N GLY A 66 6.95 -23.81 19.04
CA GLY A 66 7.98 -23.03 18.38
C GLY A 66 8.52 -21.94 19.28
N GLU A 67 9.71 -21.42 18.92
CA GLU A 67 10.24 -20.22 19.56
C GLU A 67 9.67 -18.92 18.84
N VAL A 68 9.74 -18.85 17.46
CA VAL A 68 9.29 -17.70 16.64
C VAL A 68 7.81 -17.81 16.18
N GLN A 69 7.06 -16.74 16.41
CA GLN A 69 5.61 -16.70 16.27
C GLN A 69 5.21 -15.69 15.25
N VAL A 70 4.26 -16.05 14.41
CA VAL A 70 3.71 -15.11 13.46
C VAL A 70 2.52 -14.45 14.14
N VAL A 71 2.56 -13.12 14.23
CA VAL A 71 1.56 -12.32 14.95
C VAL A 71 0.90 -11.32 14.01
N SER A 72 -0.33 -10.98 14.31
CA SER A 72 -1.13 -10.10 13.52
C SER A 72 -1.96 -9.24 14.44
N THR A 73 -2.12 -7.99 14.06
CA THR A 73 -3.15 -7.07 14.54
C THR A 73 -4.21 -7.00 13.41
N ALA A 74 -5.29 -6.23 13.66
CA ALA A 74 -6.39 -6.04 12.71
C ALA A 74 -5.96 -5.14 11.55
N THR A 75 -4.68 -4.72 11.58
CA THR A 75 -4.08 -3.87 10.55
C THR A 75 -2.82 -4.59 10.00
N GLN A 76 -1.70 -4.60 10.77
CA GLN A 76 -0.42 -5.17 10.34
C GLN A 76 -0.19 -6.64 10.82
N SER A 77 0.80 -7.27 10.21
CA SER A 77 1.38 -8.51 10.65
C SER A 77 2.93 -8.38 10.74
N PHE A 78 3.54 -9.22 11.59
CA PHE A 78 4.96 -9.17 11.94
C PHE A 78 5.30 -10.43 12.78
N LEU A 79 6.47 -10.40 13.49
CA LEU A 79 6.98 -11.56 14.23
C LEU A 79 7.17 -11.28 15.71
N ALA A 80 7.07 -12.34 16.53
CA ALA A 80 7.36 -12.29 17.94
C ALA A 80 8.23 -13.48 18.30
N THR A 81 9.33 -13.25 19.03
CA THR A 81 10.28 -14.27 19.50
C THR A 81 10.17 -14.43 21.04
N CYS A 82 10.06 -15.68 21.52
CA CYS A 82 10.20 -16.05 22.95
C CYS A 82 11.68 -16.21 23.36
N VAL A 83 12.12 -15.41 24.33
CA VAL A 83 13.47 -15.41 24.89
C VAL A 83 13.28 -15.29 26.42
N ASN A 84 13.75 -16.34 27.16
CA ASN A 84 13.87 -16.34 28.62
C ASN A 84 12.51 -16.19 29.30
N GLY A 85 11.49 -16.74 28.67
CA GLY A 85 10.16 -16.79 29.26
C GLY A 85 9.22 -15.67 28.85
N VAL A 86 9.78 -14.61 28.27
CA VAL A 86 9.00 -13.52 27.74
C VAL A 86 8.92 -13.66 26.20
N CYS A 87 7.72 -13.44 25.63
CA CYS A 87 7.45 -13.32 24.20
C CYS A 87 7.59 -11.85 23.78
N TRP A 88 8.73 -11.49 23.16
CA TRP A 88 9.13 -10.15 22.73
C TRP A 88 8.70 -9.84 21.31
N THR A 89 8.20 -8.63 21.10
CA THR A 89 8.06 -8.03 19.76
C THR A 89 8.34 -6.53 19.82
N VAL A 90 8.19 -5.86 18.66
CA VAL A 90 8.46 -4.43 18.49
C VAL A 90 7.33 -3.56 19.04
N TYR A 91 7.70 -2.42 19.65
CA TYR A 91 6.65 -1.48 20.04
C TYR A 91 5.91 -0.91 18.80
N HIS A 92 6.65 -0.65 17.72
CA HIS A 92 6.06 -0.05 16.53
C HIS A 92 5.03 -0.94 15.81
N GLY A 93 5.02 -2.24 16.11
CA GLY A 93 4.05 -3.20 15.59
C GLY A 93 2.91 -3.43 16.56
N ALA A 94 3.27 -3.74 17.83
CA ALA A 94 2.38 -4.22 18.87
C ALA A 94 1.77 -3.16 19.79
N GLY A 95 2.28 -1.91 19.75
CA GLY A 95 1.89 -0.85 20.68
C GLY A 95 1.77 -1.33 22.11
N SER A 96 0.71 -0.97 22.79
CA SER A 96 0.56 -1.43 24.18
C SER A 96 -0.44 -2.56 24.33
N LYS A 97 -0.68 -3.29 23.24
CA LYS A 97 -1.74 -4.26 23.14
C LYS A 97 -1.50 -5.46 24.01
N THR A 98 -2.56 -6.07 24.47
CA THR A 98 -2.56 -7.38 25.08
C THR A 98 -2.24 -8.47 24.05
N LEU A 99 -1.89 -9.66 24.53
CA LEU A 99 -1.63 -10.85 23.69
C LEU A 99 -2.70 -11.89 24.01
N ALA A 100 -3.46 -12.33 22.97
CA ALA A 100 -4.53 -13.33 23.15
C ALA A 100 -3.98 -14.62 23.78
N GLY A 101 -4.43 -14.91 24.99
CA GLY A 101 -3.97 -16.08 25.74
C GLY A 101 -5.06 -17.07 26.05
N PRO A 102 -4.68 -18.20 26.67
CA PRO A 102 -5.67 -19.27 26.91
C PRO A 102 -6.68 -19.03 28.08
N LYS A 103 -6.36 -18.08 28.99
CA LYS A 103 -7.25 -17.63 30.08
C LYS A 103 -7.64 -16.16 29.79
N GLY A 104 -7.75 -15.84 28.50
CA GLY A 104 -8.04 -14.48 28.05
C GLY A 104 -6.77 -13.70 27.90
N PRO A 105 -6.88 -12.40 27.54
CA PRO A 105 -5.69 -11.61 27.16
C PRO A 105 -4.61 -11.35 28.22
N ILE A 106 -3.33 -11.41 27.77
CA ILE A 106 -2.16 -11.19 28.61
C ILE A 106 -1.73 -9.72 28.41
N THR A 107 -1.75 -8.93 29.48
CA THR A 107 -1.12 -7.61 29.54
C THR A 107 0.41 -7.72 29.33
N GLN A 108 1.01 -6.66 28.82
CA GLN A 108 2.42 -6.59 28.58
C GLN A 108 3.17 -6.45 29.91
N MET A 109 4.13 -7.32 30.15
CA MET A 109 4.97 -7.20 31.32
C MET A 109 5.95 -6.03 31.17
N TYR A 110 6.58 -5.89 29.97
CA TYR A 110 7.55 -4.84 29.63
C TYR A 110 7.06 -4.03 28.42
N THR A 111 7.15 -2.68 28.49
CA THR A 111 6.91 -1.71 27.41
C THR A 111 8.08 -0.71 27.44
N ASN A 112 9.02 -0.86 26.48
CA ASN A 112 10.16 0.06 26.30
C ASN A 112 10.08 0.80 24.95
N VAL A 113 9.45 1.98 24.92
CA VAL A 113 9.22 2.73 23.68
C VAL A 113 10.59 3.16 23.10
N ASP A 114 11.61 3.39 23.95
CA ASP A 114 12.93 3.84 23.53
C ASP A 114 13.68 2.76 22.75
N GLN A 115 13.78 1.54 23.33
CA GLN A 115 14.32 0.33 22.69
C GLN A 115 13.40 -0.25 21.56
N ASP A 116 12.11 0.17 21.50
CA ASP A 116 11.11 -0.32 20.55
C ASP A 116 10.76 -1.82 20.81
N LEU A 117 10.66 -2.15 22.10
CA LEU A 117 10.58 -3.50 22.62
C LEU A 117 9.41 -3.63 23.65
N VAL A 118 8.48 -4.56 23.40
CA VAL A 118 7.48 -4.99 24.36
C VAL A 118 7.67 -6.52 24.69
N GLY A 119 7.15 -6.94 25.82
CA GLY A 119 7.23 -8.32 26.26
C GLY A 119 6.00 -8.72 27.02
N TRP A 120 5.47 -9.90 26.69
CA TRP A 120 4.40 -10.57 27.46
C TRP A 120 4.99 -11.81 28.15
N GLN A 121 4.54 -12.16 29.37
CA GLN A 121 4.98 -13.43 29.95
C GLN A 121 4.43 -14.55 29.06
N ALA A 122 5.29 -15.49 28.64
CA ALA A 122 4.84 -16.48 27.64
C ALA A 122 3.95 -17.56 28.29
N PRO A 123 2.97 -18.11 27.54
CA PRO A 123 2.11 -19.18 28.12
C PRO A 123 2.89 -20.38 28.68
N PRO A 124 2.39 -21.10 29.71
CA PRO A 124 3.26 -22.09 30.40
C PRO A 124 3.63 -23.25 29.47
N GLY A 125 4.89 -23.69 29.56
CA GLY A 125 5.48 -24.60 28.59
C GLY A 125 5.53 -24.07 27.17
N ALA A 126 5.71 -22.74 27.00
CA ALA A 126 5.96 -22.18 25.67
C ALA A 126 7.43 -22.43 25.35
N ARG A 127 7.71 -23.02 24.18
CA ARG A 127 9.09 -23.14 23.69
C ARG A 127 9.65 -21.72 23.57
N SER A 128 10.81 -21.48 24.20
CA SER A 128 11.51 -20.21 24.27
C SER A 128 12.93 -20.43 23.78
N LEU A 129 13.55 -19.41 23.22
CA LEU A 129 15.00 -19.34 22.98
C LEU A 129 15.68 -18.84 24.24
N THR A 130 17.02 -18.83 24.17
CA THR A 130 17.92 -18.36 25.23
C THR A 130 19.10 -17.63 24.56
N PRO A 131 19.74 -16.66 25.27
CA PRO A 131 20.80 -15.86 24.61
C PRO A 131 22.00 -16.70 24.22
N CYS A 132 22.83 -16.18 23.32
CA CYS A 132 24.04 -16.86 22.88
C CYS A 132 25.26 -16.51 23.72
N THR A 133 26.00 -17.55 24.15
CA THR A 133 27.12 -17.44 25.12
C THR A 133 28.52 -17.42 24.42
N CYS A 134 28.55 -17.71 23.10
CA CYS A 134 29.77 -17.85 22.29
C CYS A 134 30.39 -16.48 21.87
N GLY A 135 29.56 -15.45 21.71
CA GLY A 135 30.00 -14.15 21.21
C GLY A 135 30.61 -14.26 19.82
N SER A 136 29.83 -14.79 18.84
CA SER A 136 30.14 -14.85 17.40
C SER A 136 29.62 -13.62 16.63
N SER A 137 30.30 -13.31 15.50
CA SER A 137 30.04 -12.16 14.62
C SER A 137 29.34 -12.58 13.30
N ASP A 138 29.26 -13.90 13.02
CA ASP A 138 28.49 -14.43 11.90
C ASP A 138 27.05 -14.63 12.37
N LEU A 139 26.11 -13.93 11.75
CA LEU A 139 24.72 -13.86 12.23
C LEU A 139 23.73 -14.27 11.15
N TYR A 140 22.50 -14.57 11.55
CA TYR A 140 21.44 -15.10 10.68
C TYR A 140 20.09 -14.54 11.09
N LEU A 141 19.46 -13.81 10.15
CA LEU A 141 18.14 -13.21 10.29
C LEU A 141 17.07 -14.20 9.76
N VAL A 142 16.07 -14.51 10.60
CA VAL A 142 14.95 -15.38 10.23
C VAL A 142 13.73 -14.50 9.92
N THR A 143 13.34 -14.49 8.62
CA THR A 143 12.32 -13.62 8.05
C THR A 143 10.94 -14.27 8.17
N ARG A 144 9.90 -13.50 7.89
CA ARG A 144 8.53 -13.89 8.12
C ARG A 144 8.01 -15.00 7.20
N HIS A 145 8.75 -15.30 6.14
CA HIS A 145 8.38 -16.39 5.23
C HIS A 145 9.44 -17.51 5.32
N ALA A 146 10.23 -17.48 6.43
CA ALA A 146 11.18 -18.50 6.90
C ALA A 146 12.45 -18.62 6.02
N ASP A 147 12.92 -17.48 5.52
CA ASP A 147 14.21 -17.36 4.86
C ASP A 147 15.25 -17.05 5.90
N VAL A 148 16.35 -17.77 5.89
CA VAL A 148 17.42 -17.53 6.86
C VAL A 148 18.50 -16.77 6.10
N ILE A 149 18.65 -15.47 6.40
CA ILE A 149 19.47 -14.49 5.69
C ILE A 149 20.79 -14.23 6.49
N PRO A 150 21.98 -14.51 5.92
CA PRO A 150 23.22 -14.14 6.62
C PRO A 150 23.51 -12.63 6.79
N VAL A 151 23.82 -12.23 8.03
CA VAL A 151 24.12 -10.88 8.49
C VAL A 151 25.52 -10.93 9.14
N ARG A 152 26.33 -9.86 8.95
CA ARG A 152 27.61 -9.69 9.64
C ARG A 152 27.51 -8.67 10.79
N ARG A 153 27.87 -9.04 12.04
CA ARG A 153 27.74 -8.09 13.15
C ARG A 153 28.72 -6.94 12.97
N ARG A 154 28.23 -5.69 13.10
CA ARG A 154 29.02 -4.46 12.87
C ARG A 154 28.99 -3.46 14.05
N GLY A 155 28.17 -3.75 15.06
CA GLY A 155 27.98 -2.94 16.26
C GLY A 155 27.23 -3.73 17.31
N ASP A 156 26.72 -3.05 18.32
CA ASP A 156 25.96 -3.73 19.39
C ASP A 156 24.58 -4.05 18.87
N SER A 157 24.05 -3.14 18.05
CA SER A 157 22.69 -3.14 17.53
C SER A 157 22.66 -3.09 15.98
N ARG A 158 23.79 -3.28 15.34
CA ARG A 158 23.80 -3.37 13.87
C ARG A 158 24.46 -4.58 13.33
N GLY A 159 24.02 -4.91 12.14
CA GLY A 159 24.67 -5.89 11.29
C GLY A 159 24.45 -5.58 9.83
N SER A 160 25.40 -5.96 8.99
CA SER A 160 25.27 -5.72 7.56
C SER A 160 24.90 -6.98 6.81
N LEU A 161 24.02 -6.80 5.82
CA LEU A 161 23.64 -7.84 4.91
C LEU A 161 24.86 -8.33 4.13
N LEU A 162 24.89 -9.60 3.75
CA LEU A 162 26.02 -10.11 2.98
C LEU A 162 25.82 -9.78 1.50
N SER A 163 24.56 -9.89 1.01
CA SER A 163 24.11 -9.36 -0.28
C SER A 163 22.89 -8.39 -0.12
N PRO A 164 23.02 -7.10 -0.50
CA PRO A 164 21.87 -6.18 -0.42
C PRO A 164 20.62 -6.58 -1.22
N ARG A 165 19.45 -6.27 -0.63
CA ARG A 165 18.11 -6.68 -1.03
C ARG A 165 17.16 -5.49 -0.95
N PRO A 166 16.04 -5.47 -1.73
CA PRO A 166 15.00 -4.46 -1.53
C PRO A 166 14.41 -4.56 -0.14
N VAL A 167 14.21 -3.42 0.50
CA VAL A 167 13.71 -3.30 1.87
C VAL A 167 12.24 -3.84 2.02
N SER A 168 11.45 -3.81 0.93
CA SER A 168 10.13 -4.41 0.89
C SER A 168 10.17 -5.92 1.32
N TYR A 169 11.28 -6.62 1.03
CA TYR A 169 11.51 -8.01 1.34
C TYR A 169 11.59 -8.28 2.85
N LEU A 170 12.05 -7.29 3.62
CA LEU A 170 12.20 -7.35 5.06
C LEU A 170 10.92 -6.92 5.83
N LYS A 171 9.85 -6.57 5.11
CA LYS A 171 8.62 -6.04 5.72
C LYS A 171 7.78 -7.15 6.31
N GLY A 172 7.35 -6.95 7.56
CA GLY A 172 6.55 -7.91 8.31
C GLY A 172 7.36 -8.94 9.07
N SER A 173 8.68 -8.70 9.19
CA SER A 173 9.73 -9.56 9.76
C SER A 173 10.37 -8.90 10.98
N SER A 174 9.83 -7.76 11.39
CA SER A 174 10.27 -7.14 12.61
C SER A 174 9.67 -7.92 13.76
N GLY A 175 10.49 -8.15 14.78
CA GLY A 175 10.16 -9.00 15.91
C GLY A 175 10.72 -10.40 15.78
N GLY A 176 11.34 -10.66 14.64
CA GLY A 176 12.04 -11.90 14.38
C GLY A 176 13.49 -11.91 14.82
N PRO A 177 14.08 -13.13 15.01
CA PRO A 177 15.39 -13.21 15.65
C PRO A 177 16.59 -12.98 14.75
N LEU A 178 17.70 -12.50 15.35
CA LEU A 178 19.02 -12.70 14.78
C LEU A 178 19.76 -13.78 15.60
N LEU A 179 20.26 -14.79 14.92
CA LEU A 179 20.79 -15.96 15.57
C LEU A 179 22.28 -16.09 15.29
N CYS A 180 23.06 -16.42 16.34
CA CYS A 180 24.44 -16.90 16.27
C CYS A 180 24.49 -18.29 15.53
N PRO A 181 25.64 -18.77 14.95
CA PRO A 181 25.61 -20.05 14.22
C PRO A 181 25.08 -21.23 15.03
N SER A 182 25.11 -21.06 16.38
CA SER A 182 24.72 -22.02 17.40
C SER A 182 23.20 -22.12 17.58
N GLY A 183 22.47 -21.08 17.19
CA GLY A 183 21.01 -21.08 17.21
C GLY A 183 20.36 -20.36 18.39
N HIS A 184 21.16 -19.60 19.11
CA HIS A 184 20.70 -18.82 20.23
C HIS A 184 20.62 -17.38 19.79
N ALA A 185 19.88 -16.57 20.59
CA ALA A 185 19.41 -15.25 20.20
C ALA A 185 20.38 -14.12 20.47
N VAL A 186 20.77 -13.43 19.40
CA VAL A 186 21.61 -12.22 19.46
C VAL A 186 20.74 -11.03 19.78
N GLY A 187 19.62 -10.93 19.10
CA GLY A 187 18.69 -9.82 19.22
C GLY A 187 17.39 -10.04 18.48
N ILE A 188 16.49 -9.05 18.55
CA ILE A 188 15.25 -9.05 17.80
C ILE A 188 15.32 -7.96 16.74
N PHE A 189 15.02 -8.28 15.50
CA PHE A 189 14.98 -7.31 14.37
C PHE A 189 13.94 -6.18 14.53
N ARG A 190 14.35 -4.92 14.38
CA ARG A 190 13.36 -3.80 14.39
C ARG A 190 13.41 -2.85 13.18
N ALA A 191 14.55 -2.66 12.51
CA ALA A 191 14.58 -1.78 11.34
C ALA A 191 15.69 -2.12 10.31
N ALA A 192 15.51 -1.71 9.04
CA ALA A 192 16.47 -1.77 7.91
C ALA A 192 17.17 -0.39 7.67
N VAL A 193 18.46 -0.43 7.33
CA VAL A 193 19.21 0.73 6.89
C VAL A 193 19.26 0.67 5.36
N CYS A 194 18.67 1.70 4.70
CA CYS A 194 18.50 1.84 3.26
C CYS A 194 19.43 2.84 2.69
N THR A 195 19.88 2.55 1.46
CA THR A 195 20.33 3.59 0.53
C THR A 195 19.41 3.53 -0.66
N ARG A 196 18.45 4.45 -0.77
CA ARG A 196 17.59 4.60 -1.97
C ARG A 196 16.69 3.34 -2.28
N GLY A 197 16.13 2.75 -1.23
CA GLY A 197 15.24 1.59 -1.27
C GLY A 197 15.88 0.21 -1.21
N VAL A 198 17.22 0.15 -1.28
CA VAL A 198 18.05 -1.04 -1.14
C VAL A 198 18.49 -1.13 0.33
N ALA A 199 18.16 -2.25 1.02
CA ALA A 199 18.60 -2.53 2.40
C ALA A 199 20.01 -3.07 2.42
N LYS A 200 20.90 -2.39 3.13
CA LYS A 200 22.34 -2.65 3.15
C LYS A 200 22.72 -3.28 4.50
N ALA A 201 21.90 -2.97 5.54
CA ALA A 201 22.09 -3.36 6.93
C ALA A 201 20.77 -3.39 7.74
N VAL A 202 20.84 -4.02 8.93
CA VAL A 202 19.73 -4.26 9.83
C VAL A 202 20.09 -3.72 11.21
N ASP A 203 19.09 -3.09 11.85
CA ASP A 203 19.15 -2.62 13.23
C ASP A 203 18.29 -3.59 14.00
N PHE A 204 18.82 -4.12 15.09
CA PHE A 204 18.10 -4.94 16.05
C PHE A 204 18.27 -4.40 17.48
N VAL A 205 17.47 -4.96 18.42
CA VAL A 205 17.53 -4.70 19.87
C VAL A 205 18.40 -5.82 20.46
N PRO A 206 19.59 -5.58 21.07
CA PRO A 206 20.43 -6.73 21.48
C PRO A 206 19.87 -7.48 22.68
N VAL A 207 20.32 -8.72 22.85
CA VAL A 207 19.70 -9.61 23.82
C VAL A 207 19.99 -9.17 25.31
N GLU A 208 21.02 -8.36 25.51
CA GLU A 208 21.35 -7.84 26.83
C GLU A 208 20.42 -6.72 27.24
N SER A 209 19.94 -5.90 26.27
CA SER A 209 18.90 -4.87 26.49
C SER A 209 17.55 -5.45 27.00
N MET A 210 17.28 -6.73 26.65
CA MET A 210 16.20 -7.60 27.12
C MET A 210 16.45 -8.22 28.48
N GLU A 211 17.74 -8.37 28.90
CA GLU A 211 18.07 -8.90 30.24
C GLU A 211 18.27 -7.79 31.26
N THR A 212 18.83 -6.62 30.86
CA THR A 212 18.73 -5.34 31.57
C THR A 212 17.30 -5.34 32.19
N THR A 213 16.28 -5.33 31.25
CA THR A 213 14.84 -5.23 31.43
C THR A 213 14.35 -6.29 32.43
N MET A 214 14.59 -7.58 32.15
CA MET A 214 14.04 -8.64 32.99
C MET A 214 14.52 -8.62 34.47
N ARG A 215 15.75 -8.10 34.72
CA ARG A 215 16.40 -7.99 36.03
C ARG A 215 15.81 -6.79 36.83
N SER A 216 15.09 -5.86 36.11
CA SER A 216 14.62 -4.53 36.56
C SER A 216 13.11 -4.48 37.00
N PRO A 217 12.62 -3.41 37.75
CA PRO A 217 11.22 -3.43 38.23
C PRO A 217 10.23 -3.21 37.09
N VAL A 218 9.12 -4.00 37.10
CA VAL A 218 8.00 -3.99 36.15
C VAL A 218 7.23 -2.65 36.27
N PHE A 219 7.12 -2.16 37.49
CA PHE A 219 6.32 -0.97 37.83
C PHE A 219 7.20 0.24 38.20
N THR A 220 6.86 1.42 37.62
CA THR A 220 7.51 2.67 38.06
C THR A 220 6.50 3.73 38.42
N ASP A 221 6.92 4.61 39.34
CA ASP A 221 6.08 5.68 39.83
C ASP A 221 6.69 7.00 39.43
N ASN A 222 5.85 7.84 38.80
CA ASN A 222 6.22 9.17 38.32
C ASN A 222 5.06 10.12 38.60
N SER A 223 4.26 9.78 39.60
CA SER A 223 2.98 10.44 39.89
C SER A 223 3.18 11.64 40.78
N SER A 224 4.35 11.70 41.42
CA SER A 224 4.64 12.78 42.36
C SER A 224 5.69 13.70 41.77
N PRO A 225 5.58 15.03 41.97
CA PRO A 225 6.70 15.93 41.61
C PRO A 225 7.95 15.48 42.39
N PRO A 226 9.10 15.40 41.69
CA PRO A 226 10.33 15.03 42.40
C PRO A 226 10.84 16.07 43.40
N ALA A 227 11.58 15.57 44.38
CA ALA A 227 12.37 16.42 45.27
C ALA A 227 13.49 17.08 44.44
N VAL A 228 13.85 18.33 44.77
CA VAL A 228 14.92 18.99 44.04
C VAL A 228 16.28 18.36 44.38
N PRO A 229 17.00 17.76 43.39
CA PRO A 229 18.27 17.05 43.70
C PRO A 229 19.41 18.01 43.99
N GLN A 230 20.49 17.51 44.59
CA GLN A 230 21.65 18.35 44.91
C GLN A 230 22.33 18.87 43.61
N SER A 231 22.49 17.98 42.61
CA SER A 231 22.98 18.27 41.26
C SER A 231 21.99 17.83 40.18
N PHE A 232 22.03 18.53 38.99
CA PHE A 232 21.21 18.39 37.78
C PHE A 232 20.72 17.00 37.49
N GLN A 233 19.40 16.88 37.33
CA GLN A 233 18.72 15.64 37.02
C GLN A 233 17.47 15.90 36.15
N VAL A 234 17.14 14.92 35.32
CA VAL A 234 15.94 14.90 34.48
C VAL A 234 14.93 13.91 35.11
N ALA A 235 13.71 14.37 35.33
CA ALA A 235 12.68 13.58 36.01
C ALA A 235 11.37 13.65 35.25
N HIS A 236 10.57 12.56 35.31
CA HIS A 236 9.26 12.56 34.65
C HIS A 236 8.13 12.74 35.64
N LEU A 237 7.15 13.59 35.28
CA LEU A 237 5.95 13.77 36.07
C LEU A 237 4.80 13.34 35.16
N HIS A 238 4.29 12.12 35.44
CA HIS A 238 3.13 11.51 34.78
C HIS A 238 1.96 11.67 35.75
N ALA A 239 1.23 12.77 35.61
CA ALA A 239 0.14 13.14 36.49
C ALA A 239 -0.98 13.79 35.69
N PRO A 240 -2.24 13.53 36.12
CA PRO A 240 -3.40 14.15 35.44
C PRO A 240 -3.40 15.68 35.31
N THR A 241 -3.90 16.19 34.17
CA THR A 241 -4.25 17.60 34.06
C THR A 241 -5.33 17.88 35.09
N GLY A 242 -5.08 18.86 35.95
CA GLY A 242 -5.97 19.17 37.06
C GLY A 242 -5.60 18.45 38.34
N SER A 243 -4.35 17.96 38.47
CA SER A 243 -3.66 17.77 39.77
C SER A 243 -2.66 18.95 40.02
N GLY A 244 -2.81 20.00 39.20
CA GLY A 244 -2.01 21.21 39.23
C GLY A 244 -0.55 21.03 38.89
N LYS A 245 -0.23 20.11 37.95
CA LYS A 245 1.18 19.91 37.50
C LYS A 245 1.87 21.25 37.04
N SER A 246 1.06 22.27 36.61
CA SER A 246 1.53 23.57 36.10
C SER A 246 0.95 24.74 36.88
N THR A 247 0.29 24.44 37.99
CA THR A 247 -0.14 25.49 38.92
C THR A 247 0.37 25.15 40.32
N LYS A 248 -0.24 24.11 40.94
CA LYS A 248 0.10 23.61 42.28
C LYS A 248 1.60 23.30 42.44
N VAL A 249 2.26 22.63 41.44
CA VAL A 249 3.64 22.16 41.64
C VAL A 249 4.66 23.31 41.42
N PRO A 250 4.59 24.19 40.36
CA PRO A 250 5.40 25.44 40.40
C PRO A 250 5.36 26.20 41.74
N ALA A 251 4.15 26.36 42.32
CA ALA A 251 3.89 27.10 43.55
C ALA A 251 4.61 26.52 44.77
N ALA A 252 4.51 25.18 44.96
CA ALA A 252 5.19 24.44 46.04
C ALA A 252 6.70 24.44 45.85
N TYR A 253 7.21 24.23 44.62
CA TYR A 253 8.66 24.44 44.38
C TYR A 253 9.16 25.86 44.78
N ALA A 254 8.35 26.90 44.49
CA ALA A 254 8.65 28.30 44.74
C ALA A 254 8.51 28.64 46.22
N ALA A 255 7.55 27.99 46.91
CA ALA A 255 7.38 28.10 48.38
C ALA A 255 8.59 27.52 49.11
N GLN A 256 9.20 26.43 48.59
CA GLN A 256 10.50 25.91 49.04
C GLN A 256 11.69 26.88 48.76
N GLY A 257 11.45 27.99 48.07
CA GLY A 257 12.47 29.00 47.77
C GLY A 257 13.24 28.80 46.49
N TYR A 258 12.67 28.09 45.48
CA TYR A 258 13.30 27.94 44.16
C TYR A 258 12.79 28.88 43.05
N LYS A 259 13.61 29.07 41.98
CA LYS A 259 13.23 29.79 40.75
C LYS A 259 12.74 28.80 39.70
N VAL A 260 11.50 28.96 39.27
CA VAL A 260 10.86 27.98 38.38
C VAL A 260 10.48 28.63 37.05
N LEU A 261 10.82 27.98 35.92
CA LEU A 261 10.29 28.26 34.59
C LEU A 261 9.40 27.10 34.15
N VAL A 262 8.19 27.50 33.69
CA VAL A 262 7.16 26.57 33.22
C VAL A 262 6.88 26.84 31.77
N LEU A 263 7.15 25.83 30.93
CA LEU A 263 6.95 25.90 29.46
C LEU A 263 5.74 25.10 29.04
N ASN A 264 4.93 25.71 28.17
CA ASN A 264 3.70 25.07 27.67
C ASN A 264 3.60 25.27 26.16
N PRO A 265 3.11 24.27 25.36
CA PRO A 265 2.84 24.52 23.93
C PRO A 265 1.93 25.73 23.60
N SER A 266 0.84 26.00 24.37
CA SER A 266 -0.24 26.96 24.05
C SER A 266 -0.10 28.34 24.76
N VAL A 267 -0.26 29.46 24.02
CA VAL A 267 -0.27 30.82 24.62
C VAL A 267 -1.54 31.05 25.48
N ALA A 268 -2.67 30.44 25.14
CA ALA A 268 -3.86 30.61 25.97
C ALA A 268 -3.62 29.94 27.32
N ALA A 269 -3.07 28.70 27.31
CA ALA A 269 -2.73 28.00 28.54
C ALA A 269 -1.65 28.77 29.31
N THR A 270 -0.53 29.16 28.65
CA THR A 270 0.51 29.94 29.31
C THR A 270 -0.08 31.13 30.06
N LEU A 271 -0.85 32.01 29.38
CA LEU A 271 -1.45 33.18 30.02
C LEU A 271 -2.43 32.80 31.13
N GLY A 272 -3.19 31.74 30.88
CA GLY A 272 -4.20 31.18 31.78
C GLY A 272 -3.67 30.68 33.09
N PHE A 273 -2.56 29.91 33.06
CA PHE A 273 -1.88 29.46 34.29
C PHE A 273 -1.31 30.62 35.11
N GLY A 274 -0.74 31.61 34.41
CA GLY A 274 -0.19 32.81 35.03
C GLY A 274 -1.24 33.59 35.79
N ALA A 275 -2.43 33.78 35.19
CA ALA A 275 -3.53 34.57 35.76
C ALA A 275 -4.21 33.88 36.93
N TYR A 276 -4.23 32.53 36.91
CA TYR A 276 -4.64 31.68 38.01
C TYR A 276 -3.61 31.74 39.16
N MET A 277 -2.29 31.64 38.86
CA MET A 277 -1.20 31.63 39.85
C MET A 277 -1.28 32.82 40.78
N SER A 278 -1.55 34.03 40.23
CA SER A 278 -1.73 35.26 41.02
C SER A 278 -3.04 35.26 41.82
N LYS A 279 -4.15 34.88 41.16
CA LYS A 279 -5.49 34.67 41.75
C LYS A 279 -5.38 33.76 42.99
N ALA A 280 -4.96 32.47 42.78
CA ALA A 280 -4.86 31.44 43.81
C ALA A 280 -3.60 31.58 44.67
N HIS A 281 -2.44 31.09 44.17
CA HIS A 281 -1.23 30.88 44.96
C HIS A 281 -0.47 32.16 45.37
N GLY A 282 -0.97 33.35 45.03
CA GLY A 282 -0.41 34.63 45.49
C GLY A 282 0.97 35.04 45.00
N ILE A 283 1.33 34.61 43.78
CA ILE A 283 2.46 35.16 43.03
C ILE A 283 1.95 35.72 41.73
N ASP A 284 2.26 36.99 41.45
CA ASP A 284 2.10 37.58 40.14
C ASP A 284 3.29 37.06 39.26
N PRO A 285 3.17 35.96 38.48
CA PRO A 285 4.38 35.40 37.83
C PRO A 285 4.87 36.21 36.61
N ASN A 286 6.11 35.98 36.14
CA ASN A 286 6.51 36.57 34.87
C ASN A 286 5.79 35.82 33.75
N ILE A 287 5.45 36.54 32.66
CA ILE A 287 4.71 35.93 31.56
C ILE A 287 5.52 36.20 30.32
N ARG A 288 5.76 35.22 29.45
CA ARG A 288 6.51 35.43 28.21
C ARG A 288 5.85 34.65 27.09
N THR A 289 5.15 35.37 26.18
CA THR A 289 4.45 34.92 24.94
C THR A 289 4.70 36.01 23.88
N GLY A 290 4.43 35.68 22.61
CA GLY A 290 4.38 36.71 21.58
C GLY A 290 3.47 37.88 21.96
N VAL A 291 2.20 37.56 22.22
CA VAL A 291 1.12 38.51 22.42
C VAL A 291 1.28 39.33 23.74
N ARG A 292 1.70 38.73 24.86
CA ARG A 292 1.87 39.45 26.12
C ARG A 292 3.11 38.95 26.88
N THR A 293 3.99 39.88 27.28
CA THR A 293 5.20 39.67 28.07
C THR A 293 5.16 40.68 29.23
N ILE A 294 5.42 40.20 30.46
CA ILE A 294 5.33 40.97 31.73
C ILE A 294 6.55 40.56 32.60
N THR A 295 7.35 41.51 33.05
CA THR A 295 8.36 41.19 34.04
C THR A 295 7.95 41.75 35.41
N THR A 296 7.73 40.88 36.40
CA THR A 296 7.39 41.29 37.76
C THR A 296 8.54 41.13 38.72
N GLY A 297 9.51 40.26 38.40
CA GLY A 297 10.56 39.85 39.33
C GLY A 297 10.25 38.68 40.24
N ALA A 298 9.10 38.01 39.99
CA ALA A 298 8.63 36.83 40.71
C ALA A 298 9.58 35.63 40.47
N PRO A 299 9.69 34.63 41.40
CA PRO A 299 10.55 33.48 41.14
C PRO A 299 9.88 32.43 40.25
N VAL A 300 8.71 32.77 39.63
CA VAL A 300 7.94 31.90 38.72
C VAL A 300 7.73 32.64 37.40
N THR A 301 8.10 31.99 36.30
CA THR A 301 7.94 32.49 34.95
C THR A 301 7.13 31.44 34.19
N TYR A 302 5.96 31.86 33.65
CA TYR A 302 5.27 31.07 32.65
C TYR A 302 5.62 31.54 31.24
N SER A 303 6.16 30.66 30.40
CA SER A 303 6.50 30.96 28.98
C SER A 303 5.97 29.83 28.06
N THR A 304 5.61 30.15 26.81
CA THR A 304 5.50 29.16 25.70
C THR A 304 6.89 28.66 25.30
N TYR A 305 6.94 27.49 24.65
CA TYR A 305 8.18 27.01 24.03
C TYR A 305 8.68 27.97 22.91
N GLY A 306 7.78 28.51 22.10
CA GLY A 306 8.05 29.48 21.03
C GLY A 306 8.79 30.71 21.50
N LYS A 307 8.20 31.42 22.49
CA LYS A 307 8.78 32.58 23.17
C LYS A 307 10.16 32.28 23.83
N PHE A 308 10.35 31.07 24.44
CA PHE A 308 11.64 30.58 24.98
C PHE A 308 12.72 30.51 23.90
N LEU A 309 12.40 29.92 22.72
CA LEU A 309 13.32 29.80 21.57
C LEU A 309 13.68 31.14 20.99
N ALA A 310 12.65 31.99 20.83
CA ALA A 310 12.75 33.41 20.47
C ALA A 310 13.72 34.16 21.37
N ASP A 311 13.64 33.94 22.68
CA ASP A 311 14.51 34.56 23.69
C ASP A 311 15.96 34.02 23.68
N GLY A 312 16.22 33.02 22.86
CA GLY A 312 17.54 32.41 22.78
C GLY A 312 17.75 31.34 23.82
N GLY A 313 16.68 30.66 24.21
CA GLY A 313 16.75 29.54 25.15
C GLY A 313 17.24 29.91 26.53
N CYS A 314 17.88 28.95 27.23
CA CYS A 314 18.39 29.11 28.60
C CYS A 314 19.43 30.27 28.75
N SER A 315 19.04 31.29 29.53
CA SER A 315 19.90 32.38 30.00
C SER A 315 20.35 31.95 31.40
N GLY A 316 21.68 31.80 31.57
CA GLY A 316 22.34 31.21 32.74
C GLY A 316 22.00 31.84 34.07
N GLY A 317 21.89 30.99 35.10
CA GLY A 317 21.63 31.39 36.48
C GLY A 317 20.20 31.81 36.86
N ALA A 318 19.30 31.96 35.84
CA ALA A 318 17.92 32.39 35.98
C ALA A 318 17.03 31.38 36.76
N TYR A 319 17.09 30.05 36.42
CA TYR A 319 16.20 29.03 36.98
C TYR A 319 16.90 27.84 37.56
N ASP A 320 16.36 27.33 38.66
CA ASP A 320 16.83 26.09 39.28
C ASP A 320 16.02 24.92 38.75
N ILE A 321 14.70 25.11 38.58
CA ILE A 321 13.73 24.17 37.98
C ILE A 321 13.13 24.70 36.68
N ILE A 322 13.03 23.81 35.71
CA ILE A 322 12.39 23.95 34.41
C ILE A 322 11.38 22.81 34.21
N ILE A 323 10.07 23.15 34.23
CA ILE A 323 8.98 22.22 33.94
C ILE A 323 8.64 22.30 32.41
N CYS A 324 9.01 21.26 31.66
CA CYS A 324 8.59 21.12 30.27
C CYS A 324 7.24 20.42 30.29
N ASP A 325 6.16 21.19 30.26
CA ASP A 325 4.80 20.67 30.37
C ASP A 325 4.20 20.33 29.01
N GLU A 326 3.26 19.35 29.03
CA GLU A 326 2.63 18.72 27.84
C GLU A 326 3.71 18.17 26.94
N CYS A 327 4.67 17.47 27.58
CA CYS A 327 5.88 16.99 26.96
C CYS A 327 5.62 15.86 25.93
N HIS A 328 4.35 15.49 25.78
CA HIS A 328 3.84 14.56 24.77
C HIS A 328 3.60 15.23 23.41
N SER A 329 3.42 16.56 23.38
CA SER A 329 3.22 17.36 22.18
C SER A 329 4.35 17.15 21.20
N THR A 330 4.00 16.85 19.94
CA THR A 330 5.00 16.54 18.95
C THR A 330 5.02 17.60 17.89
N ASP A 331 4.65 18.85 18.21
CA ASP A 331 4.87 19.94 17.23
C ASP A 331 6.35 20.35 17.21
N SER A 332 6.80 20.90 16.09
CA SER A 332 8.20 21.31 15.89
C SER A 332 8.71 22.27 16.98
N THR A 333 7.85 23.11 17.58
CA THR A 333 8.29 24.08 18.58
C THR A 333 8.52 23.39 19.92
N THR A 334 7.65 22.43 20.29
CA THR A 334 7.79 21.69 21.56
C THR A 334 9.08 20.83 21.55
N ILE A 335 9.33 20.11 20.43
CA ILE A 335 10.52 19.29 20.32
C ILE A 335 11.74 20.17 20.34
N LEU A 336 11.72 21.29 19.60
CA LEU A 336 12.84 22.22 19.58
C LEU A 336 13.10 22.76 20.98
N GLY A 337 12.02 23.23 21.66
CA GLY A 337 12.02 23.68 23.06
C GLY A 337 12.66 22.76 24.09
N ILE A 338 12.24 21.48 24.14
CA ILE A 338 12.69 20.51 25.14
C ILE A 338 14.14 20.08 24.78
N GLY A 339 14.41 19.95 23.47
CA GLY A 339 15.77 19.79 22.97
C GLY A 339 16.67 20.88 23.51
N THR A 340 16.23 22.15 23.43
CA THR A 340 17.04 23.27 23.93
C THR A 340 17.24 23.17 25.47
N VAL A 341 16.15 23.02 26.24
CA VAL A 341 16.21 22.83 27.71
C VAL A 341 17.18 21.67 28.07
N LEU A 342 17.06 20.48 27.45
CA LEU A 342 17.99 19.35 27.72
C LEU A 342 19.49 19.60 27.31
N ASP A 343 19.71 20.25 26.20
CA ASP A 343 21.05 20.63 25.81
C ASP A 343 21.67 21.71 26.73
N GLN A 344 20.85 22.55 27.35
CA GLN A 344 21.42 23.76 27.95
C GLN A 344 21.31 23.86 29.47
N ALA A 345 20.36 23.20 30.08
CA ALA A 345 19.98 23.57 31.45
C ALA A 345 21.06 23.32 32.54
N GLU A 346 21.79 22.19 32.51
CA GLU A 346 22.87 21.88 33.48
C GLU A 346 23.89 23.05 33.48
N THR A 347 24.39 23.38 32.28
CA THR A 347 25.30 24.48 32.00
C THR A 347 24.75 25.86 32.46
N ALA A 348 23.44 26.08 32.33
CA ALA A 348 22.79 27.30 32.80
C ALA A 348 22.56 27.27 34.33
N GLY A 349 23.06 26.21 35.01
CA GLY A 349 23.02 26.00 36.47
C GLY A 349 21.69 25.58 37.07
N ALA A 350 20.82 24.93 36.28
CA ALA A 350 19.57 24.38 36.76
C ALA A 350 19.86 23.10 37.54
N ARG A 351 19.07 22.79 38.56
CA ARG A 351 19.24 21.58 39.36
C ARG A 351 18.33 20.43 38.90
N LEU A 352 17.23 20.78 38.21
CA LEU A 352 16.16 19.85 37.87
C LEU A 352 15.40 20.28 36.55
N VAL A 353 15.17 19.27 35.67
CA VAL A 353 14.27 19.32 34.53
C VAL A 353 13.20 18.29 34.77
N VAL A 354 11.92 18.71 34.75
CA VAL A 354 10.73 17.86 34.94
C VAL A 354 10.03 17.75 33.60
N LEU A 355 9.94 16.54 33.01
CA LEU A 355 9.19 16.40 31.74
C LEU A 355 7.86 15.91 32.18
N ALA A 356 6.87 16.82 32.24
CA ALA A 356 5.50 16.62 32.72
C ALA A 356 4.51 16.39 31.58
N THR A 357 3.66 15.34 31.75
CA THR A 357 2.55 14.90 30.88
C THR A 357 1.56 13.95 31.59
N ALA A 358 0.28 13.99 31.20
CA ALA A 358 -0.76 13.05 31.66
C ALA A 358 -0.66 11.75 30.85
N THR A 359 -0.23 11.87 29.58
CA THR A 359 -0.23 10.81 28.56
C THR A 359 1.21 10.57 28.06
N PRO A 360 2.10 9.92 28.89
CA PRO A 360 3.47 9.62 28.43
C PRO A 360 3.52 8.62 27.29
N PRO A 361 4.66 8.45 26.55
CA PRO A 361 4.73 7.34 25.58
C PRO A 361 4.29 6.02 26.16
N GLY A 362 3.61 5.24 25.34
CA GLY A 362 3.13 3.92 25.72
C GLY A 362 1.79 3.94 26.43
N SER A 363 1.32 5.12 26.85
CA SER A 363 0.09 5.20 27.64
C SER A 363 -1.13 4.77 26.86
N VAL A 364 -2.21 4.51 27.59
CA VAL A 364 -3.41 3.91 27.09
C VAL A 364 -4.64 4.65 27.71
N THR A 365 -5.75 4.81 26.96
CA THR A 365 -6.94 5.43 27.53
C THR A 365 -7.70 4.47 28.46
N VAL A 366 -7.77 4.86 29.73
CA VAL A 366 -8.51 4.18 30.78
C VAL A 366 -9.86 4.91 30.99
N PRO A 367 -10.90 4.31 31.65
CA PRO A 367 -12.07 5.11 32.06
C PRO A 367 -11.80 6.32 32.92
N HIS A 368 -12.71 7.29 32.84
CA HIS A 368 -12.75 8.44 33.72
C HIS A 368 -14.03 8.37 34.63
N PRO A 369 -14.02 8.85 35.90
CA PRO A 369 -15.23 8.73 36.74
C PRO A 369 -16.37 9.66 36.32
N ASN A 370 -16.01 10.86 35.81
CA ASN A 370 -16.88 12.00 35.44
C ASN A 370 -17.49 11.82 34.07
N ILE A 371 -16.79 11.13 33.15
CA ILE A 371 -17.15 11.05 31.75
C ILE A 371 -17.89 9.73 31.42
N GLU A 372 -19.21 9.86 31.11
CA GLU A 372 -20.00 8.77 30.55
C GLU A 372 -19.58 8.65 29.08
N GLU A 373 -19.14 7.45 28.66
CA GLU A 373 -18.81 7.22 27.26
C GLU A 373 -19.94 6.46 26.54
N VAL A 374 -20.28 6.97 25.33
CA VAL A 374 -21.44 6.62 24.50
C VAL A 374 -20.99 6.45 23.04
N ALA A 375 -21.19 5.24 22.49
CA ALA A 375 -20.90 4.99 21.09
C ALA A 375 -22.03 5.52 20.17
N LEU A 376 -21.76 6.59 19.35
CA LEU A 376 -22.67 7.09 18.30
C LEU A 376 -23.24 5.90 17.44
N SER A 377 -24.54 5.97 17.04
CA SER A 377 -25.16 4.93 16.20
C SER A 377 -25.47 5.39 14.74
N ASN A 378 -26.35 4.70 14.01
CA ASN A 378 -26.89 5.31 12.78
C ASN A 378 -28.25 6.04 13.00
N THR A 379 -28.78 6.03 14.25
CA THR A 379 -29.97 6.80 14.65
C THR A 379 -29.62 8.27 15.04
N GLY A 380 -29.76 9.18 14.08
CA GLY A 380 -29.69 10.60 14.30
C GLY A 380 -29.97 11.44 13.07
N GLU A 381 -30.49 12.64 13.31
CA GLU A 381 -30.76 13.69 12.30
C GLU A 381 -29.47 14.24 11.67
N ILE A 382 -28.36 14.12 12.37
CA ILE A 382 -27.11 14.76 11.97
C ILE A 382 -26.12 13.70 11.58
N PRO A 383 -25.85 13.54 10.26
CA PRO A 383 -24.72 12.69 9.84
C PRO A 383 -23.33 13.12 10.34
N PHE A 384 -22.59 12.13 10.86
CA PHE A 384 -21.26 12.32 11.40
C PHE A 384 -20.42 11.06 11.17
N TYR A 385 -19.47 11.15 10.21
CA TYR A 385 -18.40 10.22 9.93
C TYR A 385 -18.85 8.72 9.81
N GLY A 386 -19.90 8.51 9.01
CA GLY A 386 -20.50 7.19 8.79
C GLY A 386 -21.55 6.85 9.82
N LYS A 387 -21.71 7.69 10.84
CA LYS A 387 -22.68 7.50 11.94
C LYS A 387 -23.66 8.70 12.00
N ALA A 388 -24.17 9.04 13.21
CA ALA A 388 -25.21 10.04 13.39
C ALA A 388 -25.24 10.66 14.78
N ILE A 389 -25.30 12.00 14.84
CA ILE A 389 -25.59 12.77 16.06
C ILE A 389 -27.12 13.02 16.16
N PRO A 390 -27.77 12.64 17.28
CA PRO A 390 -29.16 13.12 17.50
C PRO A 390 -29.15 14.55 18.04
N ILE A 391 -29.96 15.45 17.42
CA ILE A 391 -30.14 16.84 17.88
C ILE A 391 -30.42 16.90 19.38
N GLU A 392 -31.23 15.97 19.91
CA GLU A 392 -31.47 15.84 21.35
C GLU A 392 -30.19 15.96 22.17
N ALA A 393 -29.09 15.36 21.69
CA ALA A 393 -27.80 15.35 22.39
C ALA A 393 -27.16 16.72 22.49
N ILE A 394 -27.34 17.62 21.46
CA ILE A 394 -26.63 18.92 21.33
C ILE A 394 -27.55 20.18 21.38
N ARG A 395 -28.91 20.02 21.36
CA ARG A 395 -29.89 21.13 21.27
C ARG A 395 -29.77 22.27 22.33
N GLY A 396 -29.33 21.93 23.53
CA GLY A 396 -29.10 22.92 24.56
C GLY A 396 -27.81 22.63 25.28
N GLY A 397 -27.21 23.66 25.85
CA GLY A 397 -25.95 23.57 26.57
C GLY A 397 -24.77 23.94 25.70
N ARG A 398 -23.59 23.51 26.13
CA ARG A 398 -22.29 23.76 25.51
C ARG A 398 -21.59 22.45 25.09
N HIS A 399 -21.37 22.31 23.78
CA HIS A 399 -20.84 21.09 23.18
C HIS A 399 -19.69 21.33 22.20
N LEU A 400 -18.79 20.34 22.10
CA LEU A 400 -17.58 20.42 21.28
C LEU A 400 -17.51 19.25 20.38
N ILE A 401 -17.29 19.55 19.12
CA ILE A 401 -17.33 18.56 18.07
C ILE A 401 -16.02 18.61 17.39
N PHE A 402 -15.26 17.55 17.57
CA PHE A 402 -13.97 17.31 16.90
C PHE A 402 -14.15 16.75 15.53
N CYS A 403 -13.49 17.45 14.61
CA CYS A 403 -13.50 17.22 13.15
C CYS A 403 -12.09 17.29 12.66
N HIS A 404 -11.68 16.35 11.80
CA HIS A 404 -10.31 16.24 11.24
C HIS A 404 -9.89 17.41 10.31
N SER A 405 -10.87 18.09 9.65
CA SER A 405 -10.62 19.17 8.67
C SER A 405 -11.49 20.42 8.85
N LYS A 406 -10.95 21.60 8.46
CA LYS A 406 -11.70 22.84 8.22
C LYS A 406 -12.90 22.66 7.28
N LYS A 407 -12.80 21.81 6.24
CA LYS A 407 -13.94 21.53 5.35
C LYS A 407 -15.14 21.03 6.17
N LYS A 408 -14.97 19.90 6.90
CA LYS A 408 -16.02 19.31 7.71
C LYS A 408 -16.58 20.29 8.76
N CYS A 409 -15.74 21.17 9.34
CA CYS A 409 -16.18 22.13 10.38
C CYS A 409 -17.21 23.10 9.83
N ASP A 410 -16.83 23.82 8.77
CA ASP A 410 -17.69 24.63 7.90
C ASP A 410 -18.96 23.89 7.48
N GLU A 411 -18.81 22.64 6.99
CA GLU A 411 -19.91 21.81 6.53
C GLU A 411 -20.94 21.47 7.59
N LEU A 412 -20.45 21.12 8.79
CA LEU A 412 -21.30 20.74 9.91
C LEU A 412 -21.90 21.93 10.61
N ALA A 413 -21.11 23.02 10.84
CA ALA A 413 -21.67 24.25 11.45
C ALA A 413 -22.80 24.78 10.58
N ALA A 414 -22.64 24.79 9.23
CA ALA A 414 -23.71 25.10 8.26
C ALA A 414 -24.95 24.20 8.39
N LYS A 415 -24.77 22.86 8.61
CA LYS A 415 -25.92 21.96 8.78
C LYS A 415 -26.66 22.24 10.08
N LEU A 416 -25.89 22.58 11.14
CA LEU A 416 -26.41 22.78 12.49
C LEU A 416 -27.03 24.15 12.65
N SER A 417 -26.51 25.14 11.89
CA SER A 417 -27.09 26.48 11.74
C SER A 417 -28.47 26.38 11.11
N GLY A 418 -28.59 25.53 10.07
CA GLY A 418 -29.84 25.17 9.42
C GLY A 418 -30.83 24.45 10.32
N LEU A 419 -30.33 23.49 11.12
CA LEU A 419 -31.12 22.74 12.11
C LEU A 419 -31.48 23.64 13.33
N GLY A 420 -30.98 24.88 13.31
CA GLY A 420 -31.26 25.88 14.34
C GLY A 420 -30.65 25.52 15.68
N ILE A 421 -29.33 25.28 15.66
CA ILE A 421 -28.44 25.06 16.79
C ILE A 421 -27.36 26.16 16.67
N ASN A 422 -27.02 26.81 17.83
CA ASN A 422 -26.06 27.92 17.92
C ASN A 422 -24.60 27.42 17.68
N ALA A 423 -24.17 27.28 16.40
CA ALA A 423 -22.97 26.53 16.00
C ALA A 423 -21.79 27.39 15.43
N VAL A 424 -20.65 27.45 16.15
CA VAL A 424 -19.47 28.18 15.66
C VAL A 424 -18.38 27.21 15.16
N ALA A 425 -17.77 27.46 14.00
CA ALA A 425 -16.64 26.67 13.53
C ALA A 425 -15.36 27.35 13.99
N TYR A 426 -14.35 26.57 14.42
CA TYR A 426 -13.07 27.12 14.86
C TYR A 426 -11.89 26.27 14.40
N TYR A 427 -10.89 26.89 13.76
CA TYR A 427 -9.69 26.21 13.25
C TYR A 427 -8.58 27.23 13.09
N ARG A 428 -7.32 26.77 12.91
CA ARG A 428 -6.12 27.58 12.57
C ARG A 428 -6.46 28.66 11.50
N GLY A 429 -6.27 29.95 11.86
CA GLY A 429 -6.55 31.07 10.97
C GLY A 429 -7.76 31.92 11.36
N LEU A 430 -8.35 31.63 12.55
CA LEU A 430 -9.55 32.26 13.09
C LEU A 430 -9.26 32.78 14.48
N ASP A 431 -10.09 33.72 14.92
CA ASP A 431 -9.89 34.36 16.20
C ASP A 431 -10.70 33.66 17.26
N VAL A 432 -10.03 33.05 18.25
CA VAL A 432 -10.69 32.64 19.50
C VAL A 432 -11.25 33.89 20.14
N SER A 433 -12.54 34.14 19.86
CA SER A 433 -13.40 35.28 20.25
C SER A 433 -14.76 34.99 19.62
N VAL A 434 -14.72 34.26 18.46
CA VAL A 434 -15.79 33.59 17.75
C VAL A 434 -16.59 32.67 18.70
N ILE A 435 -15.87 31.88 19.55
CA ILE A 435 -16.54 31.06 20.57
C ILE A 435 -17.05 31.96 21.70
N PRO A 436 -18.39 31.92 22.01
CA PRO A 436 -18.87 32.56 23.25
C PRO A 436 -18.46 31.84 24.54
N THR A 437 -17.92 32.62 25.46
CA THR A 437 -17.55 32.21 26.80
C THR A 437 -18.81 31.80 27.60
N ILE A 438 -19.90 32.57 27.43
CA ILE A 438 -20.97 32.50 28.42
C ILE A 438 -22.18 31.67 27.90
N GLY A 439 -22.58 31.80 26.63
CA GLY A 439 -23.89 31.29 26.20
C GLY A 439 -24.04 29.81 25.87
N ASP A 440 -25.26 29.44 25.38
CA ASP A 440 -25.58 28.16 24.72
C ASP A 440 -24.82 28.08 23.38
N VAL A 441 -24.03 26.98 23.15
CA VAL A 441 -23.09 26.85 22.00
C VAL A 441 -22.73 25.41 21.65
N VAL A 442 -22.48 25.18 20.36
CA VAL A 442 -21.89 23.96 19.79
C VAL A 442 -20.68 24.40 18.96
N VAL A 443 -19.45 24.30 19.51
CA VAL A 443 -18.30 24.68 18.71
C VAL A 443 -17.78 23.43 17.92
N VAL A 444 -17.62 23.60 16.60
CA VAL A 444 -17.17 22.56 15.68
C VAL A 444 -15.69 22.81 15.29
N ALA A 445 -14.75 22.16 15.99
CA ALA A 445 -13.33 22.51 15.90
C ALA A 445 -12.42 21.41 15.39
N THR A 446 -11.29 21.80 14.76
CA THR A 446 -10.11 20.94 14.56
C THR A 446 -9.30 20.96 15.88
N ASP A 447 -8.22 20.18 15.98
CA ASP A 447 -7.40 20.11 17.20
C ASP A 447 -6.69 21.46 17.56
N ALA A 448 -6.81 22.47 16.66
CA ALA A 448 -6.42 23.89 16.84
C ALA A 448 -7.09 24.49 18.09
N LEU A 449 -8.25 23.91 18.49
CA LEU A 449 -9.03 24.22 19.68
C LEU A 449 -8.08 24.14 20.87
N MET A 450 -7.54 22.94 21.12
CA MET A 450 -6.89 22.65 22.39
C MET A 450 -5.61 23.47 22.63
N THR A 451 -5.18 24.29 21.65
CA THR A 451 -4.08 25.24 21.88
C THR A 451 -4.55 26.70 21.88
N GLY A 452 -5.68 26.97 21.21
CA GLY A 452 -6.26 28.31 21.07
C GLY A 452 -7.27 28.70 22.12
N TYR A 453 -7.92 27.72 22.72
CA TYR A 453 -9.05 27.91 23.62
C TYR A 453 -8.90 26.97 24.85
N THR A 454 -9.14 27.49 26.09
CA THR A 454 -8.90 26.76 27.37
C THR A 454 -10.15 26.11 28.05
N GLY A 455 -11.35 26.57 27.68
CA GLY A 455 -12.62 26.09 28.24
C GLY A 455 -13.00 24.62 28.06
N ASP A 456 -13.94 24.18 28.93
CA ASP A 456 -14.50 22.84 28.96
C ASP A 456 -15.98 22.90 28.55
N PHE A 457 -16.65 21.71 28.44
CA PHE A 457 -17.96 21.52 27.77
C PHE A 457 -18.75 20.39 28.43
N ASP A 458 -20.06 20.35 28.13
CA ASP A 458 -20.98 19.42 28.75
C ASP A 458 -20.82 18.06 28.10
N SER A 459 -20.66 18.08 26.78
CA SER A 459 -20.30 16.86 26.07
C SER A 459 -19.20 17.13 25.07
N VAL A 460 -18.44 16.09 24.70
CA VAL A 460 -17.47 16.12 23.57
C VAL A 460 -17.82 15.04 22.56
N ILE A 461 -17.97 15.43 21.27
CA ILE A 461 -18.16 14.47 20.18
C ILE A 461 -16.86 14.39 19.39
N ASP A 462 -16.35 13.16 19.12
CA ASP A 462 -15.06 12.90 18.48
C ASP A 462 -15.27 12.08 17.21
N CYS A 463 -14.71 12.52 16.05
CA CYS A 463 -14.72 11.77 14.79
C CYS A 463 -13.72 10.63 14.82
N ASN A 464 -12.77 10.66 15.79
CA ASN A 464 -11.73 9.68 16.12
C ASN A 464 -10.63 9.58 15.05
N THR A 465 -10.63 10.56 14.13
CA THR A 465 -9.59 10.69 13.15
C THR A 465 -8.92 12.03 13.24
N CYS A 466 -7.70 12.13 12.71
CA CYS A 466 -7.00 13.38 12.50
C CYS A 466 -6.20 13.43 11.19
N VAL A 467 -5.65 14.62 10.91
CA VAL A 467 -4.83 14.84 9.74
C VAL A 467 -3.39 14.95 10.20
N THR A 468 -2.51 14.19 9.57
CA THR A 468 -1.08 14.11 9.86
C THR A 468 -0.26 14.26 8.59
N GLN A 469 1.05 14.51 8.76
CA GLN A 469 2.05 14.53 7.68
C GLN A 469 2.98 13.36 7.77
N THR A 470 3.25 12.74 6.61
CA THR A 470 4.23 11.66 6.52
C THR A 470 5.26 11.96 5.44
N VAL A 471 6.53 11.71 5.68
CA VAL A 471 7.55 11.78 4.65
C VAL A 471 7.56 10.47 3.87
N ASP A 472 7.79 10.55 2.59
CA ASP A 472 8.01 9.35 1.80
C ASP A 472 9.26 9.64 0.95
N PHE A 473 10.28 8.81 1.04
CA PHE A 473 11.48 9.09 0.27
C PHE A 473 11.33 8.47 -1.15
N SER A 474 10.77 9.26 -2.06
CA SER A 474 10.04 8.75 -3.20
C SER A 474 10.85 8.85 -4.45
N LEU A 475 11.95 9.63 -4.36
CA LEU A 475 13.02 9.73 -5.36
C LEU A 475 12.55 10.28 -6.69
N ASP A 476 11.44 11.06 -6.64
CA ASP A 476 10.72 11.59 -7.82
C ASP A 476 10.75 13.15 -7.98
N PRO A 477 11.83 13.93 -7.73
CA PRO A 477 13.27 13.59 -7.65
C PRO A 477 13.80 13.26 -6.25
N THR A 478 13.10 13.69 -5.17
CA THR A 478 13.70 13.72 -3.83
C THR A 478 12.76 13.13 -2.78
N PHE A 479 11.86 13.92 -2.23
CA PHE A 479 11.00 13.44 -1.15
C PHE A 479 9.66 14.08 -1.25
N THR A 480 8.66 13.36 -0.71
CA THR A 480 7.29 13.84 -0.58
C THR A 480 6.96 14.03 0.88
N ILE A 481 6.32 15.17 1.25
CA ILE A 481 5.52 15.28 2.50
C ILE A 481 4.06 15.07 2.15
N GLU A 482 3.53 13.88 2.40
CA GLU A 482 2.13 13.61 2.10
C GLU A 482 1.27 13.98 3.30
N THR A 483 0.10 14.55 3.06
CA THR A 483 -0.85 14.93 4.13
C THR A 483 -2.02 13.97 4.04
N THR A 484 -2.29 13.26 5.14
CA THR A 484 -3.18 12.10 5.20
C THR A 484 -4.15 12.19 6.39
N THR A 485 -5.27 11.43 6.28
CA THR A 485 -6.33 11.32 7.30
C THR A 485 -6.19 9.95 8.00
N VAL A 486 -6.01 9.96 9.34
CA VAL A 486 -5.50 8.79 10.07
C VAL A 486 -6.34 8.48 11.28
N PRO A 487 -6.37 7.21 11.78
CA PRO A 487 -6.98 6.96 13.10
C PRO A 487 -6.22 7.67 14.19
N GLN A 488 -6.94 8.27 15.13
CA GLN A 488 -6.33 8.96 16.26
C GLN A 488 -5.53 7.98 17.17
N ASP A 489 -4.66 8.53 18.01
CA ASP A 489 -3.84 7.79 18.96
C ASP A 489 -4.35 8.02 20.38
N ALA A 490 -3.83 7.23 21.33
CA ALA A 490 -4.16 7.27 22.76
C ALA A 490 -3.97 8.66 23.35
N VAL A 491 -3.19 9.51 22.70
CA VAL A 491 -2.90 10.86 23.20
C VAL A 491 -4.03 11.74 22.81
N SER A 492 -4.35 11.77 21.52
CA SER A 492 -5.48 12.53 20.93
C SER A 492 -6.78 12.28 21.72
N ARG A 493 -7.14 10.99 21.90
CA ARG A 493 -8.39 10.56 22.46
C ARG A 493 -8.58 11.19 23.80
N SER A 494 -7.55 11.04 24.64
CA SER A 494 -7.50 11.52 26.02
C SER A 494 -7.59 13.07 26.10
N GLN A 495 -6.82 13.80 25.26
CA GLN A 495 -6.87 15.27 25.26
C GLN A 495 -8.26 15.77 24.79
N ARG A 496 -8.79 15.22 23.70
CA ARG A 496 -10.12 15.51 23.15
C ARG A 496 -11.21 15.23 24.17
N ARG A 497 -11.26 13.96 24.71
CA ARG A 497 -12.23 13.50 25.73
C ARG A 497 -12.22 14.38 26.98
N GLY A 498 -11.02 14.76 27.42
CA GLY A 498 -10.81 15.53 28.64
C GLY A 498 -11.13 16.99 28.53
N ARG A 499 -11.56 17.47 27.35
CA ARG A 499 -12.24 18.76 27.19
C ARG A 499 -13.72 18.76 27.72
N THR A 500 -14.21 17.62 28.27
CA THR A 500 -15.42 17.45 29.06
C THR A 500 -15.09 16.74 30.40
N GLY A 501 -15.99 16.84 31.37
CA GLY A 501 -15.88 16.20 32.68
C GLY A 501 -14.91 16.84 33.64
N ARG A 502 -14.53 18.13 33.40
CA ARG A 502 -13.63 18.91 34.27
C ARG A 502 -14.37 19.23 35.59
N GLY A 503 -14.09 18.42 36.61
CA GLY A 503 -14.67 18.53 37.94
C GLY A 503 -16.17 18.68 38.04
N ARG A 504 -16.88 18.01 37.15
CA ARG A 504 -18.34 17.90 37.04
C ARG A 504 -18.64 16.73 36.09
N ARG A 505 -19.92 16.40 35.83
CA ARG A 505 -20.17 15.31 34.89
C ARG A 505 -19.97 15.77 33.44
N GLY A 506 -19.76 14.80 32.55
CA GLY A 506 -19.49 15.03 31.14
C GLY A 506 -19.85 13.81 30.31
N ILE A 507 -20.14 14.04 29.02
CA ILE A 507 -20.47 12.96 28.09
C ILE A 507 -19.49 12.98 26.93
N TYR A 508 -18.81 11.86 26.69
CA TYR A 508 -17.94 11.73 25.53
C TYR A 508 -18.59 10.79 24.53
N ARG A 509 -18.98 11.33 23.35
CA ARG A 509 -19.55 10.56 22.26
C ARG A 509 -18.49 10.33 21.15
N PHE A 510 -18.41 9.07 20.64
CA PHE A 510 -17.38 8.70 19.66
C PHE A 510 -17.93 7.86 18.43
N VAL A 511 -17.20 7.92 17.29
CA VAL A 511 -17.35 7.10 16.07
C VAL A 511 -16.67 5.71 16.24
N THR A 512 -15.43 5.66 16.78
CA THR A 512 -14.64 4.42 16.92
C THR A 512 -14.19 4.18 18.36
N PRO A 513 -14.37 2.93 18.86
CA PRO A 513 -13.65 2.51 20.09
C PRO A 513 -12.11 2.50 19.98
N GLY A 514 -11.59 2.24 18.79
CA GLY A 514 -10.14 2.12 18.58
C GLY A 514 -9.28 3.35 18.85
N GLU A 515 -8.05 3.10 19.29
CA GLU A 515 -6.99 4.08 19.31
C GLU A 515 -5.69 3.43 18.87
N ARG A 516 -4.85 4.18 18.13
CA ARG A 516 -3.51 3.72 17.71
C ARG A 516 -2.50 3.89 18.89
N PRO A 517 -1.33 3.19 18.83
CA PRO A 517 -0.29 3.47 19.83
C PRO A 517 0.32 4.87 19.78
N SER A 518 0.36 5.48 21.00
CA SER A 518 0.94 6.75 21.41
C SER A 518 2.49 6.72 21.55
N GLY A 519 3.12 7.88 21.33
CA GLY A 519 4.52 8.12 21.69
C GLY A 519 5.54 7.97 20.57
N MET A 520 5.08 7.91 19.31
CA MET A 520 5.94 7.83 18.10
C MET A 520 5.54 8.94 17.14
N PHE A 521 6.52 9.63 16.50
CA PHE A 521 6.17 10.60 15.45
C PHE A 521 6.94 10.39 14.16
N ASP A 522 6.44 11.07 13.10
CA ASP A 522 7.03 10.89 11.77
C ASP A 522 8.36 11.65 11.59
N SER A 523 9.29 11.13 10.75
CA SER A 523 10.44 11.87 10.23
C SER A 523 10.08 13.25 9.63
N SER A 524 8.80 13.46 9.23
CA SER A 524 8.41 14.76 8.66
C SER A 524 8.48 15.86 9.70
N VAL A 525 8.20 15.52 10.98
CA VAL A 525 8.27 16.41 12.15
C VAL A 525 9.73 16.91 12.36
N LEU A 526 10.69 16.06 12.08
CA LEU A 526 12.11 16.43 12.17
C LEU A 526 12.46 17.51 11.14
N CYS A 527 11.97 17.30 9.86
CA CYS A 527 11.99 18.25 8.75
C CYS A 527 11.41 19.60 9.19
N GLU A 528 10.23 19.55 9.87
CA GLU A 528 9.55 20.71 10.47
C GLU A 528 10.42 21.39 11.53
N CYS A 529 11.21 20.64 12.30
CA CYS A 529 12.14 21.22 13.28
C CYS A 529 13.30 21.99 12.60
N TYR A 530 13.84 21.45 11.51
CA TYR A 530 14.86 22.18 10.74
C TYR A 530 14.25 23.48 10.08
N ASP A 531 13.03 23.36 9.62
CA ASP A 531 12.29 24.40 8.96
C ASP A 531 12.00 25.56 9.96
N ALA A 532 11.47 25.25 11.15
CA ALA A 532 11.23 26.23 12.20
C ALA A 532 12.52 26.90 12.64
N GLY A 533 13.58 26.08 12.86
CA GLY A 533 14.92 26.58 13.12
C GLY A 533 15.32 27.71 12.18
N CYS A 534 15.23 27.48 10.86
CA CYS A 534 15.63 28.46 9.85
C CYS A 534 14.64 29.62 9.72
N ALA A 535 13.35 29.32 9.65
CA ALA A 535 12.29 30.29 9.48
C ALA A 535 12.06 31.17 10.70
N TRP A 536 12.17 30.65 11.96
CA TRP A 536 11.73 31.39 13.17
C TRP A 536 12.83 31.80 14.13
N TYR A 537 13.78 30.92 14.42
CA TYR A 537 14.58 30.94 15.62
C TYR A 537 16.05 31.15 15.31
N GLU A 538 16.37 31.49 14.05
CA GLU A 538 17.75 31.78 13.59
C GLU A 538 18.74 30.66 13.96
N LEU A 539 18.34 29.39 13.85
CA LEU A 539 19.26 28.29 14.10
C LEU A 539 19.87 27.80 12.78
N THR A 540 21.22 27.70 12.73
CA THR A 540 21.88 26.97 11.64
C THR A 540 21.38 25.52 11.76
N PRO A 541 21.34 24.75 10.65
CA PRO A 541 20.99 23.33 10.80
C PRO A 541 21.80 22.60 11.87
N ALA A 542 23.11 22.88 11.96
CA ALA A 542 24.03 22.28 12.96
C ALA A 542 23.56 22.58 14.40
N GLU A 543 23.11 23.85 14.67
CA GLU A 543 22.56 24.24 15.96
C GLU A 543 21.29 23.41 16.34
N THR A 544 20.36 23.21 15.38
CA THR A 544 19.17 22.34 15.49
C THR A 544 19.54 20.83 15.73
N SER A 545 20.61 20.30 15.09
CA SER A 545 20.93 18.86 15.21
C SER A 545 21.29 18.49 16.65
N VAL A 546 21.97 19.43 17.37
CA VAL A 546 22.44 19.40 18.77
C VAL A 546 21.20 19.44 19.68
N ARG A 547 20.36 20.48 19.53
CA ARG A 547 19.06 20.54 20.20
C ARG A 547 18.27 19.27 20.06
N LEU A 548 18.05 18.77 18.82
CA LEU A 548 17.32 17.50 18.54
C LEU A 548 18.00 16.24 19.08
N ARG A 549 19.33 16.18 19.04
CA ARG A 549 20.05 15.00 19.55
C ARG A 549 19.71 14.81 21.03
N ALA A 550 19.83 15.89 21.82
CA ALA A 550 19.45 16.04 23.23
C ALA A 550 18.04 15.46 23.47
N TYR A 551 17.08 15.79 22.59
CA TYR A 551 15.74 15.21 22.69
C TYR A 551 15.82 13.69 22.47
N LEU A 552 16.44 13.28 21.35
CA LEU A 552 16.48 11.92 20.92
C LEU A 552 17.20 10.98 21.94
N ASN A 553 18.32 11.40 22.50
CA ASN A 553 18.99 10.54 23.45
C ASN A 553 18.41 10.59 24.88
N THR A 554 17.51 11.55 25.20
CA THR A 554 16.82 11.56 26.49
C THR A 554 15.68 10.55 26.43
N PRO A 555 15.70 9.50 27.25
CA PRO A 555 14.55 8.58 27.27
C PRO A 555 13.29 9.12 27.94
N GLY A 556 12.16 8.54 27.60
CA GLY A 556 10.88 8.83 28.22
C GLY A 556 10.05 9.82 27.41
N LEU A 557 10.59 10.35 26.29
CA LEU A 557 9.89 11.32 25.43
C LEU A 557 9.33 10.61 24.21
N PRO A 558 8.45 11.24 23.38
CA PRO A 558 8.15 10.64 22.05
C PRO A 558 9.40 10.24 21.21
N VAL A 559 9.32 9.07 20.58
CA VAL A 559 10.40 8.54 19.73
C VAL A 559 10.14 8.74 18.23
N CYS A 560 11.21 8.61 17.47
CA CYS A 560 11.27 8.95 16.05
C CYS A 560 12.51 8.32 15.50
N GLN A 561 12.44 7.89 14.22
CA GLN A 561 13.61 7.46 13.47
C GLN A 561 14.57 8.60 13.40
N ASP A 562 15.82 8.34 13.78
CA ASP A 562 16.88 9.34 13.72
C ASP A 562 17.28 9.59 12.29
N HIS A 563 16.72 10.66 11.69
CA HIS A 563 17.09 11.10 10.34
C HIS A 563 17.76 12.49 10.38
N LEU A 564 18.46 12.79 11.50
CA LEU A 564 19.10 14.08 11.76
C LEU A 564 20.13 14.46 10.72
N GLU A 565 21.16 13.61 10.52
CA GLU A 565 22.16 13.81 9.46
C GLU A 565 21.55 14.15 8.13
N PHE A 566 20.56 13.36 7.67
CA PHE A 566 19.83 13.57 6.40
C PHE A 566 19.14 14.94 6.33
N TRP A 567 18.25 15.25 7.31
CA TRP A 567 17.54 16.52 7.33
C TRP A 567 18.54 17.71 7.39
N GLU A 568 19.47 17.71 8.35
CA GLU A 568 20.58 18.63 8.38
C GLU A 568 21.21 18.84 6.99
N SER A 569 21.53 17.72 6.28
CA SER A 569 22.19 17.83 4.98
C SER A 569 21.33 18.61 3.98
N VAL A 570 20.00 18.32 3.92
CA VAL A 570 19.07 19.03 3.05
C VAL A 570 19.13 20.54 3.27
N PHE A 571 18.89 20.98 4.52
CA PHE A 571 18.66 22.37 4.84
C PHE A 571 19.92 23.25 4.71
N THR A 572 21.10 22.65 4.95
CA THR A 572 22.44 23.22 4.85
C THR A 572 22.73 23.76 3.43
N GLY A 573 22.17 23.12 2.41
CA GLY A 573 22.33 23.61 1.05
C GLY A 573 21.28 24.59 0.56
N LEU A 574 20.21 24.83 1.41
CA LEU A 574 19.10 25.75 1.14
C LEU A 574 19.50 27.16 1.61
N THR A 575 20.49 27.73 0.91
CA THR A 575 21.04 29.04 1.22
C THR A 575 20.42 30.15 0.34
N HIS A 576 20.46 31.41 0.82
CA HIS A 576 20.04 32.59 0.07
C HIS A 576 18.54 32.63 -0.32
N ILE A 577 17.66 32.01 0.47
CA ILE A 577 16.20 32.24 0.45
C ILE A 577 15.88 33.74 0.18
N ASP A 578 14.74 34.00 -0.45
CA ASP A 578 14.22 35.36 -0.59
C ASP A 578 13.57 35.69 0.76
N ALA A 579 13.97 36.81 1.40
CA ALA A 579 13.48 37.10 2.77
C ALA A 579 12.00 37.42 2.80
N HIS A 580 11.51 38.10 1.72
CA HIS A 580 10.13 38.52 1.48
C HIS A 580 9.18 37.35 1.42
N PHE A 581 9.41 36.42 0.48
CA PHE A 581 8.69 35.17 0.45
C PHE A 581 8.68 34.49 1.83
N LEU A 582 9.85 34.43 2.51
CA LEU A 582 9.93 33.78 3.81
C LEU A 582 8.98 34.43 4.86
N SER A 583 8.93 35.77 4.94
CA SER A 583 8.01 36.52 5.79
C SER A 583 6.51 36.33 5.41
N GLN A 584 6.22 36.19 4.12
CA GLN A 584 4.90 35.90 3.60
C GLN A 584 4.41 34.50 3.95
N THR A 585 5.30 33.47 3.93
CA THR A 585 4.96 32.08 4.33
C THR A 585 4.85 31.95 5.85
N LYS A 586 5.82 32.55 6.60
CA LYS A 586 5.68 32.71 8.08
C LYS A 586 4.33 33.36 8.53
N GLN A 587 3.99 34.57 8.06
CA GLN A 587 2.69 35.21 8.35
C GLN A 587 1.48 34.31 8.05
N ALA A 588 1.49 33.66 6.93
CA ALA A 588 0.35 32.88 6.47
C ALA A 588 0.07 31.65 7.33
N GLY A 589 1.06 31.20 8.10
CA GLY A 589 0.88 30.25 9.18
C GLY A 589 0.78 28.81 8.76
N ASP A 590 0.93 28.52 7.47
CA ASP A 590 0.89 27.16 7.03
C ASP A 590 2.23 26.43 7.31
N ASN A 591 2.22 25.06 7.21
CA ASN A 591 3.34 24.18 7.49
C ASN A 591 4.45 24.35 6.46
N PHE A 592 5.71 24.04 6.87
CA PHE A 592 6.93 24.18 6.09
C PHE A 592 7.08 25.58 5.43
N PRO A 593 6.94 26.71 6.21
CA PRO A 593 7.16 28.05 5.63
C PRO A 593 8.53 28.18 4.94
N TYR A 594 9.54 27.49 5.43
CA TYR A 594 10.87 27.58 4.85
C TYR A 594 10.98 26.76 3.55
N LEU A 595 10.53 25.49 3.51
CA LEU A 595 10.53 24.74 2.23
C LEU A 595 9.60 25.35 1.17
N VAL A 596 8.52 25.98 1.56
CA VAL A 596 7.65 26.67 0.58
C VAL A 596 8.33 27.94 0.04
N ALA A 597 8.80 28.83 0.96
CA ALA A 597 9.45 30.06 0.53
C ALA A 597 10.74 29.76 -0.24
N TYR A 598 11.39 28.60 0.03
CA TYR A 598 12.60 28.27 -0.73
C TYR A 598 12.24 27.79 -2.15
N GLN A 599 11.14 27.04 -2.31
CA GLN A 599 10.70 26.58 -3.61
C GLN A 599 10.30 27.75 -4.49
N ALA A 600 9.65 28.77 -3.91
CA ALA A 600 9.16 29.95 -4.60
C ALA A 600 10.30 30.83 -5.05
N THR A 601 11.36 30.90 -4.25
CA THR A 601 12.59 31.67 -4.47
C THR A 601 13.20 31.14 -5.75
N VAL A 602 13.45 29.82 -5.79
CA VAL A 602 14.01 29.12 -6.96
C VAL A 602 13.11 29.42 -8.21
N CYS A 603 11.77 29.32 -8.07
CA CYS A 603 10.81 29.58 -9.13
C CYS A 603 10.85 31.02 -9.69
N ALA A 604 10.70 32.02 -8.79
CA ALA A 604 10.74 33.43 -9.11
C ALA A 604 12.05 33.78 -9.81
N ARG A 605 13.21 33.42 -9.23
CA ARG A 605 14.56 33.68 -9.79
C ARG A 605 14.82 32.92 -11.11
N ALA A 606 13.97 31.94 -11.46
CA ALA A 606 14.01 31.21 -12.74
C ALA A 606 12.98 31.77 -13.74
N GLN A 607 12.13 32.70 -13.27
CA GLN A 607 10.85 33.07 -13.87
C GLN A 607 10.00 31.85 -14.27
N ALA A 608 10.01 30.80 -13.45
CA ALA A 608 9.25 29.58 -13.65
C ALA A 608 7.98 29.63 -12.76
N PRO A 609 6.81 29.08 -13.22
CA PRO A 609 5.61 29.06 -12.35
C PRO A 609 5.79 28.07 -11.21
N PRO A 610 5.01 28.18 -10.10
CA PRO A 610 5.15 27.20 -9.00
C PRO A 610 4.56 25.82 -9.33
N PRO A 611 4.80 24.77 -8.50
CA PRO A 611 4.25 23.44 -8.80
C PRO A 611 2.75 23.40 -9.13
N SER A 612 1.96 24.18 -8.40
CA SER A 612 0.52 24.34 -8.70
C SER A 612 0.13 25.80 -8.51
N TRP A 613 -1.17 26.14 -8.62
CA TRP A 613 -1.68 27.44 -8.20
C TRP A 613 -2.64 27.28 -6.95
N ASP A 614 -2.32 26.28 -6.11
CA ASP A 614 -2.92 26.05 -4.80
C ASP A 614 -2.53 27.19 -3.86
N GLN A 615 -3.37 27.47 -2.83
CA GLN A 615 -3.12 28.45 -1.75
C GLN A 615 -1.66 28.46 -1.23
N MET A 616 -1.01 27.28 -1.12
CA MET A 616 0.45 27.18 -0.83
C MET A 616 1.27 28.30 -1.52
N TRP A 617 1.10 28.45 -2.85
CA TRP A 617 1.95 29.24 -3.71
C TRP A 617 1.45 30.70 -3.94
N LYS A 618 0.57 31.20 -3.04
CA LYS A 618 -0.08 32.51 -3.15
C LYS A 618 0.92 33.66 -3.26
N CYS A 619 2.15 33.50 -2.70
CA CYS A 619 3.20 34.51 -2.72
C CYS A 619 3.75 34.76 -4.13
N LEU A 620 3.44 33.86 -5.07
CA LEU A 620 3.83 34.00 -6.48
C LEU A 620 2.71 34.49 -7.40
N ILE A 621 1.49 34.69 -6.86
CA ILE A 621 0.32 34.98 -7.67
C ILE A 621 0.51 36.27 -8.48
N ARG A 622 1.08 37.30 -7.85
CA ARG A 622 1.17 38.61 -8.51
C ARG A 622 2.07 38.57 -9.75
N LEU A 623 2.97 37.56 -9.82
CA LEU A 623 3.95 37.31 -10.89
C LEU A 623 3.45 36.31 -11.94
N LYS A 624 2.20 35.82 -11.83
CA LYS A 624 1.62 34.82 -12.74
C LYS A 624 1.89 35.06 -14.24
N PRO A 625 1.74 36.33 -14.76
CA PRO A 625 1.92 36.55 -16.21
C PRO A 625 3.36 36.41 -16.64
N THR A 626 4.29 36.79 -15.74
CA THR A 626 5.71 36.76 -16.03
C THR A 626 6.25 35.33 -15.88
N LEU A 627 5.48 34.40 -15.27
CA LEU A 627 6.01 33.05 -15.03
C LEU A 627 5.65 32.03 -16.13
N HIS A 628 6.69 31.34 -16.63
CA HIS A 628 6.68 30.57 -17.87
C HIS A 628 7.65 29.36 -17.77
N GLY A 629 7.34 28.25 -18.44
CA GLY A 629 8.21 27.08 -18.47
C GLY A 629 8.08 26.05 -17.35
N PRO A 630 8.87 24.93 -17.40
CA PRO A 630 8.83 23.93 -16.31
C PRO A 630 9.24 24.49 -14.96
N THR A 631 8.62 23.97 -13.89
CA THR A 631 8.97 24.27 -12.53
C THR A 631 10.30 23.59 -12.22
N PRO A 632 11.29 24.33 -11.67
CA PRO A 632 12.52 23.67 -11.23
C PRO A 632 12.20 23.00 -9.87
N LEU A 633 11.79 21.68 -9.90
CA LEU A 633 11.18 20.99 -8.78
C LEU A 633 12.23 20.50 -7.83
N LEU A 634 12.12 20.88 -6.52
CA LEU A 634 13.07 20.58 -5.44
C LEU A 634 12.68 19.38 -4.60
N TYR A 635 11.36 19.18 -4.40
CA TYR A 635 10.69 18.20 -3.48
C TYR A 635 9.14 18.39 -3.68
N ARG A 636 8.32 17.50 -3.12
CA ARG A 636 6.87 17.52 -3.33
C ARG A 636 6.19 17.82 -2.01
N LEU A 637 5.43 18.91 -1.99
CA LEU A 637 4.74 19.32 -0.79
C LEU A 637 3.23 19.27 -1.00
N GLY A 638 2.85 18.71 -2.15
CA GLY A 638 1.48 18.55 -2.63
C GLY A 638 1.45 18.16 -4.08
N ALA A 639 0.28 18.35 -4.73
CA ALA A 639 0.07 18.09 -6.16
C ALA A 639 0.94 18.95 -7.04
N VAL A 640 1.63 18.32 -8.02
CA VAL A 640 2.41 19.00 -9.02
C VAL A 640 1.67 18.89 -10.32
N GLN A 641 1.22 20.05 -10.86
CA GLN A 641 0.34 20.16 -12.02
C GLN A 641 1.08 20.63 -13.27
N ASN A 642 2.06 21.54 -13.06
CA ASN A 642 2.91 22.08 -14.12
C ASN A 642 3.89 21.01 -14.57
N GLU A 643 4.45 21.16 -15.76
CA GLU A 643 5.59 20.39 -16.17
C GLU A 643 6.77 20.76 -15.22
N VAL A 644 7.64 19.77 -14.85
CA VAL A 644 8.86 20.03 -14.11
C VAL A 644 10.17 19.82 -14.98
N THR A 645 11.25 20.50 -14.54
CA THR A 645 12.66 20.29 -14.89
C THR A 645 13.42 19.83 -13.60
N LEU A 646 14.41 18.94 -13.74
CA LEU A 646 15.17 18.41 -12.60
C LEU A 646 16.65 18.85 -12.75
N THR A 647 16.83 20.03 -13.40
CA THR A 647 18.14 20.56 -13.75
C THR A 647 18.74 21.52 -12.69
N HIS A 648 17.86 22.12 -11.82
CA HIS A 648 18.36 23.14 -10.90
C HIS A 648 19.54 22.57 -10.08
N PRO A 649 20.62 23.37 -9.97
CA PRO A 649 21.67 23.05 -9.00
C PRO A 649 21.19 22.51 -7.64
N ILE A 650 20.10 23.11 -7.04
CA ILE A 650 19.49 22.71 -5.76
C ILE A 650 18.73 21.35 -5.82
N THR A 651 17.99 21.05 -6.94
CA THR A 651 17.44 19.68 -7.06
C THR A 651 18.60 18.68 -6.98
N LYS A 652 19.66 18.87 -7.80
CA LYS A 652 20.81 17.99 -7.82
C LYS A 652 21.41 17.77 -6.41
N TYR A 653 21.43 18.83 -5.58
CA TYR A 653 21.98 18.78 -4.25
C TYR A 653 21.12 17.95 -3.35
N ILE A 654 19.78 18.12 -3.44
CA ILE A 654 18.87 17.31 -2.63
C ILE A 654 18.85 15.85 -3.14
N MET A 655 18.91 15.60 -4.48
CA MET A 655 19.04 14.26 -5.07
C MET A 655 20.23 13.55 -4.42
N ALA A 656 21.42 14.20 -4.42
CA ALA A 656 22.64 13.73 -3.75
C ALA A 656 22.48 13.41 -2.24
N CYS A 657 21.71 14.22 -1.47
CA CYS A 657 21.35 13.91 -0.08
C CYS A 657 20.59 12.59 0.08
N MET A 658 19.75 12.20 -0.91
CA MET A 658 18.95 10.97 -0.84
C MET A 658 19.77 9.65 -0.72
N SER A 659 21.10 9.73 -0.84
CA SER A 659 22.00 8.58 -0.86
C SER A 659 22.47 8.24 0.58
N ALA A 660 21.98 9.04 1.53
CA ALA A 660 22.29 8.86 2.93
C ALA A 660 21.61 7.61 3.47
N ASP A 661 22.29 6.94 4.44
CA ASP A 661 21.75 5.78 5.14
C ASP A 661 20.53 6.18 5.99
N LEU A 662 19.34 5.95 5.46
CA LEU A 662 18.13 6.21 6.23
C LEU A 662 17.61 4.93 6.85
N GLU A 663 17.42 4.93 8.17
CA GLU A 663 16.85 3.79 8.85
C GLU A 663 15.34 3.82 8.70
N VAL A 664 14.71 2.69 8.37
CA VAL A 664 13.26 2.64 8.24
C VAL A 664 12.69 1.42 8.92
N VAL A 665 11.50 1.52 9.53
CA VAL A 665 10.93 0.38 10.23
C VAL A 665 10.39 -0.66 9.24
N THR A 666 10.44 -1.94 9.69
CA THR A 666 10.04 -3.14 8.95
C THR A 666 8.81 -3.84 9.60
N GLY B 22 -15.22 -15.97 -0.97
CA GLY B 22 -15.98 -14.87 -0.43
C GLY B 22 -16.99 -14.20 -1.38
N SER B 23 -18.09 -13.66 -0.80
CA SER B 23 -19.07 -12.88 -1.53
C SER B 23 -18.66 -11.44 -1.40
N VAL B 24 -19.10 -10.56 -2.33
CA VAL B 24 -19.17 -9.10 -2.12
C VAL B 24 -20.14 -8.83 -0.92
N VAL B 25 -19.83 -7.80 -0.10
CA VAL B 25 -20.62 -7.45 1.12
C VAL B 25 -20.97 -5.98 1.10
N ILE B 26 -22.29 -5.62 1.31
CA ILE B 26 -22.71 -4.23 1.49
C ILE B 26 -22.31 -3.75 2.89
N VAL B 27 -21.35 -2.82 2.97
CA VAL B 27 -20.80 -2.33 4.25
C VAL B 27 -21.34 -0.88 4.64
N GLY B 28 -22.20 -0.32 3.80
CA GLY B 28 -22.80 1.00 3.99
C GLY B 28 -23.35 1.54 2.68
N ARG B 29 -23.63 2.84 2.65
CA ARG B 29 -24.40 3.46 1.59
C ARG B 29 -24.15 4.98 1.52
N ILE B 30 -24.27 5.57 0.30
CA ILE B 30 -24.26 7.02 0.07
C ILE B 30 -25.70 7.42 -0.20
N ILE B 31 -26.21 8.38 0.59
CA ILE B 31 -27.57 8.93 0.46
C ILE B 31 -27.56 10.24 -0.39
N LEU B 32 -28.50 10.35 -1.33
CA LEU B 32 -28.55 11.46 -2.31
C LEU B 32 -29.86 12.29 -2.14
N SER B 33 -29.74 13.65 -2.23
CA SER B 33 -30.85 14.59 -2.05
C SER B 33 -31.95 14.46 -3.14
N SER B 37 -30.94 20.45 -6.07
CA SER B 37 -29.49 20.57 -6.23
C SER B 37 -28.70 19.49 -5.43
N ILE B 38 -27.98 18.57 -6.17
CA ILE B 38 -27.41 17.30 -5.68
C ILE B 38 -26.50 17.49 -4.46
N THR B 39 -26.75 16.71 -3.42
CA THR B 39 -25.89 16.55 -2.25
C THR B 39 -25.90 15.11 -1.80
N ALA B 40 -24.88 14.73 -1.03
CA ALA B 40 -24.70 13.36 -0.57
C ALA B 40 -24.06 13.32 0.82
N TYR B 41 -24.25 12.20 1.54
CA TYR B 41 -23.64 11.91 2.83
C TYR B 41 -23.65 10.39 3.01
N SER B 42 -22.75 9.88 3.82
CA SER B 42 -22.53 8.45 3.96
C SER B 42 -23.08 7.92 5.24
N GLN B 43 -23.27 6.58 5.29
CA GLN B 43 -23.66 5.81 6.49
C GLN B 43 -22.83 4.57 6.43
N GLN B 44 -22.11 4.19 7.49
CA GLN B 44 -21.49 2.87 7.60
C GLN B 44 -22.49 1.96 8.26
N THR B 45 -22.49 0.68 7.87
CA THR B 45 -23.47 -0.28 8.40
C THR B 45 -22.77 -1.57 8.93
N ARG B 46 -21.67 -1.98 8.29
CA ARG B 46 -20.93 -3.12 8.80
C ARG B 46 -19.54 -2.76 9.21
N GLY B 47 -19.02 -3.54 10.16
CA GLY B 47 -17.63 -3.53 10.59
C GLY B 47 -16.74 -4.53 9.87
N LEU B 48 -15.59 -4.85 10.48
CA LEU B 48 -14.61 -5.77 9.92
C LEU B 48 -15.12 -7.23 9.99
N LEU B 49 -15.65 -7.62 11.14
CA LEU B 49 -16.03 -8.99 11.44
C LEU B 49 -17.40 -9.28 10.81
N GLY B 50 -18.15 -8.20 10.71
CA GLY B 50 -19.40 -8.17 9.96
C GLY B 50 -19.18 -8.34 8.48
N CYS B 51 -18.24 -7.58 7.92
CA CYS B 51 -17.94 -7.79 6.53
C CYS B 51 -17.43 -9.21 6.27
N ILE B 52 -16.41 -9.66 7.03
CA ILE B 52 -15.72 -10.93 6.82
C ILE B 52 -16.62 -12.20 7.14
N ILE B 53 -17.53 -12.15 8.16
CA ILE B 53 -18.47 -13.27 8.43
C ILE B 53 -19.44 -13.40 7.23
N THR B 54 -20.09 -12.27 6.88
CA THR B 54 -21.05 -12.17 5.76
C THR B 54 -20.41 -12.54 4.40
N SER B 55 -19.11 -12.20 4.19
CA SER B 55 -18.34 -12.64 3.02
C SER B 55 -18.20 -14.14 2.97
N LEU B 56 -17.80 -14.79 4.09
CA LEU B 56 -17.71 -16.25 4.16
C LEU B 56 -19.08 -16.92 4.04
N THR B 57 -20.16 -16.40 4.73
CA THR B 57 -21.49 -17.05 4.70
C THR B 57 -22.30 -16.75 3.42
N GLY B 58 -22.16 -15.54 2.91
CA GLY B 58 -22.96 -15.03 1.79
C GLY B 58 -24.35 -14.61 2.20
N ARG B 59 -24.68 -14.75 3.50
CA ARG B 59 -25.98 -14.36 3.98
C ARG B 59 -25.94 -12.99 4.71
N ASP B 60 -26.42 -11.95 4.01
CA ASP B 60 -26.62 -10.61 4.53
C ASP B 60 -28.11 -10.47 4.85
N LYS B 61 -28.43 -10.49 6.13
CA LYS B 61 -29.80 -10.35 6.58
C LYS B 61 -30.17 -8.83 6.82
N ASN B 62 -29.16 -7.91 6.67
CA ASN B 62 -29.29 -6.44 6.85
C ASN B 62 -30.01 -5.73 5.70
N GLN B 63 -30.99 -4.85 6.04
CA GLN B 63 -31.91 -4.23 5.08
C GLN B 63 -31.23 -3.16 4.20
N VAL B 64 -31.28 -3.36 2.87
CA VAL B 64 -30.65 -2.47 1.86
C VAL B 64 -31.47 -1.19 1.70
N GLU B 65 -30.79 -0.03 1.65
CA GLU B 65 -31.46 1.26 1.44
C GLU B 65 -30.68 2.14 0.47
N GLY B 66 -31.39 3.10 -0.14
CA GLY B 66 -30.81 4.03 -1.11
C GLY B 66 -30.43 3.39 -2.43
N GLU B 67 -29.81 4.18 -3.32
CA GLU B 67 -29.49 3.79 -4.70
C GLU B 67 -27.97 3.54 -4.95
N VAL B 68 -27.08 4.10 -4.10
CA VAL B 68 -25.62 3.87 -4.10
C VAL B 68 -25.25 3.08 -2.85
N GLN B 69 -24.46 2.05 -3.04
CA GLN B 69 -24.00 1.20 -1.94
C GLN B 69 -22.51 1.35 -1.86
N VAL B 70 -22.02 1.31 -0.62
CA VAL B 70 -20.60 1.07 -0.34
C VAL B 70 -20.48 -0.47 -0.17
N VAL B 71 -19.61 -1.09 -1.00
CA VAL B 71 -19.37 -2.54 -1.10
C VAL B 71 -17.91 -2.95 -0.77
N SER B 72 -17.70 -4.22 -0.32
CA SER B 72 -16.36 -4.74 0.04
C SER B 72 -16.09 -6.19 -0.29
N THR B 73 -14.93 -6.42 -0.90
CA THR B 73 -14.25 -7.73 -0.92
C THR B 73 -13.13 -7.66 0.12
N ALA B 74 -12.85 -8.76 0.84
CA ALA B 74 -11.72 -8.79 1.79
C ALA B 74 -10.41 -8.12 1.24
N THR B 75 -10.17 -8.20 -0.10
CA THR B 75 -9.13 -7.39 -0.76
C THR B 75 -9.45 -5.86 -0.75
N GLN B 76 -10.58 -5.44 -1.39
CA GLN B 76 -10.83 -4.06 -1.84
C GLN B 76 -12.22 -3.49 -1.43
N SER B 77 -12.36 -2.14 -1.42
CA SER B 77 -13.65 -1.47 -1.23
C SER B 77 -13.97 -0.48 -2.33
N PHE B 78 -15.27 -0.40 -2.75
CA PHE B 78 -15.74 0.40 -3.88
C PHE B 78 -17.25 0.73 -3.75
N LEU B 79 -17.86 1.27 -4.82
CA LEU B 79 -19.27 1.69 -4.85
C LEU B 79 -20.10 0.80 -5.76
N ALA B 80 -21.44 0.76 -5.58
CA ALA B 80 -22.37 0.07 -6.51
C ALA B 80 -23.61 0.89 -6.68
N THR B 81 -24.14 1.03 -7.90
CA THR B 81 -25.29 1.88 -8.20
C THR B 81 -26.46 1.06 -8.73
N CYS B 82 -27.66 1.34 -8.22
CA CYS B 82 -28.86 0.73 -8.74
C CYS B 82 -29.46 1.59 -9.81
N VAL B 83 -29.48 1.06 -11.04
CA VAL B 83 -30.28 1.63 -12.11
C VAL B 83 -31.12 0.47 -12.62
N ASN B 84 -32.42 0.71 -12.94
CA ASN B 84 -33.35 -0.24 -13.59
C ASN B 84 -33.58 -1.54 -12.78
N GLY B 85 -33.48 -1.42 -11.46
CA GLY B 85 -33.62 -2.51 -10.52
C GLY B 85 -32.49 -3.52 -10.53
N VAL B 86 -31.35 -3.12 -11.12
CA VAL B 86 -30.12 -3.84 -11.13
C VAL B 86 -29.13 -3.04 -10.38
N CYS B 87 -28.57 -3.66 -9.36
CA CYS B 87 -27.42 -3.13 -8.66
C CYS B 87 -26.13 -3.44 -9.48
N TRP B 88 -25.43 -2.38 -9.97
CA TRP B 88 -24.30 -2.43 -10.91
C TRP B 88 -22.99 -1.98 -10.27
N THR B 89 -21.85 -2.56 -10.72
CA THR B 89 -20.50 -2.12 -10.33
C THR B 89 -19.47 -2.57 -11.38
N VAL B 90 -18.20 -2.49 -11.05
CA VAL B 90 -17.10 -2.71 -11.99
C VAL B 90 -16.60 -4.15 -11.87
N TYR B 91 -16.32 -4.81 -13.03
CA TYR B 91 -15.79 -6.18 -13.06
C TYR B 91 -14.39 -6.16 -12.42
N HIS B 92 -13.62 -5.10 -12.64
CA HIS B 92 -12.28 -5.04 -12.09
C HIS B 92 -12.26 -4.98 -10.53
N GLY B 93 -13.43 -4.75 -9.91
CA GLY B 93 -13.65 -4.85 -8.47
C GLY B 93 -14.34 -6.14 -8.06
N ALA B 94 -15.60 -6.32 -8.52
CA ALA B 94 -16.45 -7.45 -8.17
C ALA B 94 -15.99 -8.78 -8.73
N GLY B 95 -15.25 -8.79 -9.86
CA GLY B 95 -15.04 -9.99 -10.65
C GLY B 95 -16.36 -10.71 -10.94
N SER B 96 -16.38 -12.05 -10.75
CA SER B 96 -17.59 -12.88 -11.00
C SER B 96 -18.29 -13.25 -9.69
N LYS B 97 -17.93 -12.52 -8.59
CA LYS B 97 -18.34 -12.82 -7.22
C LYS B 97 -19.83 -12.72 -7.01
N THR B 98 -20.38 -13.53 -6.08
CA THR B 98 -21.74 -13.37 -5.55
C THR B 98 -21.83 -12.13 -4.64
N LEU B 99 -23.01 -11.55 -4.50
CA LEU B 99 -23.31 -10.48 -3.55
C LEU B 99 -24.07 -11.15 -2.44
N ALA B 100 -23.71 -10.84 -1.19
CA ALA B 100 -24.33 -11.41 -0.01
C ALA B 100 -25.78 -10.98 0.11
N GLY B 101 -26.68 -11.97 0.14
CA GLY B 101 -28.13 -11.79 0.10
C GLY B 101 -28.92 -12.28 1.30
N PRO B 102 -30.20 -11.87 1.46
CA PRO B 102 -31.02 -12.38 2.58
C PRO B 102 -31.18 -13.90 2.62
N LYS B 103 -31.47 -14.55 1.46
CA LYS B 103 -31.66 -16.00 1.40
C LYS B 103 -30.41 -16.68 0.81
N GLY B 104 -29.24 -16.15 1.15
CA GLY B 104 -27.93 -16.62 0.70
C GLY B 104 -27.33 -15.76 -0.39
N PRO B 105 -26.10 -16.09 -0.88
CA PRO B 105 -25.47 -15.28 -1.94
C PRO B 105 -26.21 -15.18 -3.29
N ILE B 106 -25.99 -14.06 -4.00
CA ILE B 106 -26.69 -13.72 -5.26
C ILE B 106 -25.71 -13.95 -6.41
N THR B 107 -26.01 -14.92 -7.32
CA THR B 107 -25.29 -15.06 -8.59
C THR B 107 -25.44 -13.73 -9.39
N GLN B 108 -24.41 -13.33 -10.14
CA GLN B 108 -24.52 -12.13 -10.98
C GLN B 108 -25.44 -12.38 -12.14
N MET B 109 -26.40 -11.48 -12.34
CA MET B 109 -27.38 -11.51 -13.44
C MET B 109 -26.72 -11.18 -14.78
N TYR B 110 -25.71 -10.27 -14.75
CA TYR B 110 -24.95 -9.75 -15.89
C TYR B 110 -23.48 -9.72 -15.62
N THR B 111 -22.69 -10.02 -16.65
CA THR B 111 -21.21 -9.98 -16.59
C THR B 111 -20.72 -9.47 -17.97
N ASN B 112 -20.02 -8.31 -18.01
CA ASN B 112 -19.51 -7.75 -19.27
C ASN B 112 -18.11 -7.22 -19.02
N VAL B 113 -17.13 -8.10 -19.25
CA VAL B 113 -15.70 -7.91 -18.94
C VAL B 113 -15.17 -6.82 -19.87
N ASP B 114 -15.58 -6.90 -21.16
CA ASP B 114 -15.38 -5.88 -22.20
C ASP B 114 -15.80 -4.43 -21.72
N GLN B 115 -17.01 -4.28 -21.11
CA GLN B 115 -17.52 -3.00 -20.57
C GLN B 115 -17.13 -2.73 -19.08
N ASP B 116 -16.40 -3.67 -18.43
CA ASP B 116 -15.96 -3.56 -17.05
C ASP B 116 -17.18 -3.37 -16.21
N LEU B 117 -18.20 -4.21 -16.42
CA LEU B 117 -19.50 -4.04 -15.77
C LEU B 117 -20.06 -5.38 -15.34
N VAL B 118 -20.61 -5.42 -14.12
CA VAL B 118 -21.36 -6.55 -13.57
C VAL B 118 -22.68 -6.09 -12.92
N GLY B 119 -23.58 -7.02 -12.65
CA GLY B 119 -24.88 -6.67 -12.10
C GLY B 119 -25.57 -7.81 -11.39
N TRP B 120 -26.21 -7.48 -10.25
CA TRP B 120 -27.09 -8.36 -9.49
C TRP B 120 -28.49 -7.77 -9.51
N GLN B 121 -29.54 -8.61 -9.54
CA GLN B 121 -30.90 -8.07 -9.32
C GLN B 121 -30.96 -7.36 -7.97
N ALA B 122 -31.55 -6.15 -7.93
CA ALA B 122 -31.57 -5.32 -6.74
C ALA B 122 -32.26 -6.00 -5.58
N PRO B 123 -31.54 -6.08 -4.42
CA PRO B 123 -32.23 -6.42 -3.15
C PRO B 123 -33.51 -5.62 -2.85
N PRO B 124 -34.45 -6.23 -2.10
CA PRO B 124 -35.52 -5.42 -1.50
C PRO B 124 -34.97 -4.37 -0.54
N GLY B 125 -35.64 -3.22 -0.58
CA GLY B 125 -35.29 -2.00 0.13
C GLY B 125 -34.60 -0.99 -0.79
N ALA B 126 -33.83 -1.50 -1.80
CA ALA B 126 -33.10 -0.67 -2.74
C ALA B 126 -34.04 0.05 -3.74
N ARG B 127 -33.86 1.37 -3.85
CA ARG B 127 -34.40 2.25 -4.88
C ARG B 127 -33.40 2.24 -6.08
N SER B 128 -33.81 2.75 -7.26
CA SER B 128 -33.01 2.85 -8.48
C SER B 128 -32.93 4.29 -8.97
N LEU B 129 -31.86 4.61 -9.67
CA LEU B 129 -31.82 5.84 -10.45
C LEU B 129 -32.52 5.57 -11.76
N THR B 130 -33.16 6.60 -12.30
CA THR B 130 -33.69 6.48 -13.66
C THR B 130 -32.59 6.93 -14.63
N PRO B 131 -32.41 6.25 -15.82
CA PRO B 131 -31.42 6.72 -16.81
C PRO B 131 -31.59 8.17 -17.24
N CYS B 132 -30.51 8.79 -17.77
CA CYS B 132 -30.53 10.19 -18.20
C CYS B 132 -31.20 10.32 -19.57
N THR B 133 -32.18 11.24 -19.66
CA THR B 133 -32.93 11.51 -20.90
C THR B 133 -32.36 12.74 -21.63
N CYS B 134 -32.73 13.97 -21.19
CA CYS B 134 -32.25 15.21 -21.78
C CYS B 134 -30.72 15.31 -21.72
N GLY B 135 -30.12 15.65 -22.86
CA GLY B 135 -28.68 15.61 -23.07
C GLY B 135 -27.88 16.64 -22.31
N SER B 136 -27.67 16.40 -20.99
CA SER B 136 -26.84 17.29 -20.18
C SER B 136 -25.34 16.97 -20.33
N SER B 137 -24.54 18.04 -20.42
CA SER B 137 -23.09 18.03 -20.51
C SER B 137 -22.47 18.31 -19.15
N ASP B 138 -23.21 19.05 -18.28
CA ASP B 138 -22.83 19.37 -16.91
C ASP B 138 -23.21 18.21 -15.99
N LEU B 139 -22.19 17.51 -15.49
CA LEU B 139 -22.30 16.24 -14.77
C LEU B 139 -21.70 16.31 -13.37
N TYR B 140 -22.10 15.35 -12.51
CA TYR B 140 -21.67 15.33 -11.11
C TYR B 140 -21.30 13.93 -10.68
N LEU B 141 -20.05 13.75 -10.31
CA LEU B 141 -19.58 12.45 -9.85
C LEU B 141 -19.78 12.29 -8.31
N VAL B 142 -20.46 11.21 -7.89
CA VAL B 142 -20.55 10.87 -6.46
C VAL B 142 -19.38 9.93 -6.04
N THR B 143 -18.52 10.39 -5.06
CA THR B 143 -17.35 9.66 -4.52
C THR B 143 -17.74 8.89 -3.29
N ARG B 144 -16.91 7.91 -2.91
CA ARG B 144 -17.16 7.11 -1.73
C ARG B 144 -17.19 7.92 -0.39
N HIS B 145 -16.67 9.19 -0.40
CA HIS B 145 -16.55 10.05 0.79
C HIS B 145 -17.77 10.93 0.86
N ALA B 146 -18.58 10.87 -0.22
CA ALA B 146 -19.88 11.52 -0.50
C ALA B 146 -19.71 12.96 -0.99
N ASP B 147 -18.64 13.18 -1.74
CA ASP B 147 -18.45 14.44 -2.39
C ASP B 147 -18.98 14.37 -3.81
N VAL B 148 -19.45 15.49 -4.33
CA VAL B 148 -20.21 15.59 -5.57
C VAL B 148 -19.35 16.50 -6.44
N ILE B 149 -18.79 15.96 -7.52
CA ILE B 149 -17.63 16.51 -8.21
C ILE B 149 -18.05 16.91 -9.63
N PRO B 150 -18.04 18.24 -9.90
CA PRO B 150 -18.28 18.75 -11.27
C PRO B 150 -17.45 18.10 -12.37
N VAL B 151 -18.13 17.60 -13.40
CA VAL B 151 -17.54 16.87 -14.53
C VAL B 151 -18.21 17.39 -15.81
N ARG B 152 -17.44 17.68 -16.87
CA ARG B 152 -17.99 18.14 -18.15
C ARG B 152 -17.91 16.99 -19.16
N ARG B 153 -19.05 16.59 -19.73
CA ARG B 153 -19.03 15.48 -20.69
C ARG B 153 -18.18 15.87 -21.86
N ARG B 154 -17.40 14.91 -22.40
CA ARG B 154 -16.53 15.07 -23.57
C ARG B 154 -16.80 14.00 -24.64
N GLY B 155 -16.98 12.76 -24.22
CA GLY B 155 -17.43 11.68 -25.10
C GLY B 155 -18.69 10.98 -24.65
N ASP B 156 -18.99 9.84 -25.30
CA ASP B 156 -19.99 8.87 -24.83
C ASP B 156 -19.68 8.45 -23.37
N SER B 157 -18.36 8.30 -23.06
CA SER B 157 -17.84 7.61 -21.89
C SER B 157 -16.71 8.36 -21.19
N ARG B 158 -16.56 9.70 -21.42
CA ARG B 158 -15.50 10.56 -20.83
C ARG B 158 -16.05 11.87 -20.37
N GLY B 159 -15.65 12.27 -19.18
CA GLY B 159 -15.92 13.59 -18.66
C GLY B 159 -14.67 14.15 -18.02
N SER B 160 -14.54 15.47 -17.97
CA SER B 160 -13.29 16.06 -17.50
C SER B 160 -13.52 16.88 -16.29
N LEU B 161 -12.72 16.59 -15.26
CA LEU B 161 -12.77 17.18 -13.93
C LEU B 161 -12.63 18.69 -14.02
N LEU B 162 -13.62 19.45 -13.51
CA LEU B 162 -13.60 20.91 -13.59
C LEU B 162 -12.38 21.50 -12.88
N SER B 163 -11.93 20.85 -11.77
CA SER B 163 -10.66 21.11 -11.10
C SER B 163 -9.89 19.79 -10.86
N PRO B 164 -8.75 19.57 -11.56
CA PRO B 164 -7.94 18.36 -11.31
C PRO B 164 -7.49 18.15 -9.86
N ARG B 165 -7.38 16.88 -9.49
CA ARG B 165 -7.14 16.37 -8.14
C ARG B 165 -6.16 15.18 -8.19
N PRO B 166 -5.37 14.94 -7.12
CA PRO B 166 -4.63 13.65 -7.00
C PRO B 166 -5.45 12.42 -7.39
N VAL B 167 -4.81 11.46 -8.04
CA VAL B 167 -5.53 10.23 -8.37
C VAL B 167 -6.03 9.48 -7.10
N SER B 168 -5.43 9.74 -5.97
CA SER B 168 -5.69 9.08 -4.71
C SER B 168 -7.07 9.44 -4.21
N TYR B 169 -7.45 10.72 -4.40
CA TYR B 169 -8.77 11.22 -4.04
C TYR B 169 -9.92 10.35 -4.59
N LEU B 170 -9.77 9.86 -5.83
CA LEU B 170 -10.77 9.11 -6.57
C LEU B 170 -10.74 7.61 -6.32
N LYS B 171 -9.77 7.15 -5.54
CA LYS B 171 -9.66 5.72 -5.34
C LYS B 171 -10.57 5.26 -4.20
N GLY B 172 -11.25 4.13 -4.43
CA GLY B 172 -12.38 3.61 -3.66
C GLY B 172 -13.76 3.95 -4.21
N SER B 173 -13.84 4.81 -5.25
CA SER B 173 -15.08 5.43 -5.78
C SER B 173 -15.67 4.76 -7.08
N SER B 174 -15.02 3.72 -7.65
CA SER B 174 -15.52 3.07 -8.86
C SER B 174 -16.83 2.34 -8.59
N GLY B 175 -17.70 2.30 -9.60
CA GLY B 175 -19.09 1.89 -9.43
C GLY B 175 -20.04 3.01 -9.04
N GLY B 176 -19.48 4.13 -8.59
CA GLY B 176 -20.23 5.34 -8.28
C GLY B 176 -20.92 6.00 -9.47
N PRO B 177 -22.06 6.70 -9.21
CA PRO B 177 -22.80 7.32 -10.31
C PRO B 177 -22.17 8.61 -10.85
N LEU B 178 -22.45 8.90 -12.13
CA LEU B 178 -22.30 10.20 -12.76
C LEU B 178 -23.67 10.67 -13.03
N LEU B 179 -24.06 11.75 -12.38
CA LEU B 179 -25.42 12.24 -12.52
C LEU B 179 -25.47 13.49 -13.37
N CYS B 180 -26.53 13.63 -14.14
CA CYS B 180 -26.88 14.91 -14.73
C CYS B 180 -27.60 15.79 -13.63
N PRO B 181 -27.89 17.12 -13.84
CA PRO B 181 -28.48 17.91 -12.73
C PRO B 181 -29.88 17.45 -12.29
N SER B 182 -30.66 16.78 -13.18
CA SER B 182 -31.93 16.12 -12.82
C SER B 182 -31.79 14.99 -11.74
N GLY B 183 -30.55 14.53 -11.49
CA GLY B 183 -30.22 13.45 -10.57
C GLY B 183 -30.43 12.06 -11.15
N HIS B 184 -30.69 11.98 -12.47
CA HIS B 184 -30.71 10.73 -13.24
C HIS B 184 -29.28 10.19 -13.59
N ALA B 185 -29.17 8.90 -13.90
CA ALA B 185 -27.90 8.25 -14.14
C ALA B 185 -27.39 8.51 -15.55
N VAL B 186 -26.18 9.06 -15.70
CA VAL B 186 -25.50 9.12 -17.01
C VAL B 186 -24.68 7.81 -17.27
N GLY B 187 -24.16 7.22 -16.20
CA GLY B 187 -23.40 5.99 -16.15
C GLY B 187 -22.72 5.77 -14.80
N ILE B 188 -21.76 4.80 -14.74
CA ILE B 188 -21.01 4.55 -13.49
C ILE B 188 -19.51 4.76 -13.72
N PHE B 189 -18.77 5.18 -12.67
CA PHE B 189 -17.33 5.52 -12.72
C PHE B 189 -16.50 4.24 -12.79
N ARG B 190 -15.51 4.16 -13.72
CA ARG B 190 -14.64 2.97 -13.76
C ARG B 190 -13.11 3.27 -13.73
N ALA B 191 -12.68 4.46 -14.22
CA ALA B 191 -11.25 4.79 -14.35
C ALA B 191 -10.91 6.32 -14.35
N ALA B 192 -9.64 6.68 -14.00
CA ALA B 192 -9.13 8.05 -14.00
C ALA B 192 -8.14 8.22 -15.14
N VAL B 193 -8.26 9.34 -15.89
CA VAL B 193 -7.28 9.70 -16.91
C VAL B 193 -6.31 10.65 -16.26
N CYS B 194 -4.99 10.37 -16.39
CA CYS B 194 -3.90 10.90 -15.55
C CYS B 194 -2.79 11.56 -16.27
N THR B 195 -2.39 12.68 -15.74
CA THR B 195 -1.15 13.32 -16.15
C THR B 195 -0.24 13.36 -14.94
N ARG B 196 0.89 12.67 -15.06
CA ARG B 196 1.91 12.53 -14.01
C ARG B 196 1.28 12.51 -12.62
N GLY B 197 0.39 11.54 -12.42
CA GLY B 197 -0.33 11.26 -11.18
C GLY B 197 -1.58 12.09 -10.85
N VAL B 198 -1.87 13.14 -11.61
CA VAL B 198 -2.98 14.05 -11.34
C VAL B 198 -4.14 13.73 -12.28
N ALA B 199 -5.30 13.41 -11.71
CA ALA B 199 -6.50 13.10 -12.46
C ALA B 199 -7.09 14.36 -13.13
N LYS B 200 -7.11 14.37 -14.46
CA LYS B 200 -7.63 15.43 -15.33
C LYS B 200 -9.05 15.12 -15.79
N ALA B 201 -9.36 13.81 -15.98
CA ALA B 201 -10.64 13.33 -16.51
C ALA B 201 -11.05 12.01 -15.85
N VAL B 202 -12.32 11.57 -16.17
CA VAL B 202 -12.93 10.34 -15.69
C VAL B 202 -13.51 9.51 -16.85
N ASP B 203 -13.22 8.20 -16.80
CA ASP B 203 -13.83 7.19 -17.66
C ASP B 203 -15.03 6.55 -16.95
N PHE B 204 -16.16 6.46 -17.67
CA PHE B 204 -17.37 5.88 -17.11
C PHE B 204 -18.08 4.86 -18.03
N VAL B 205 -18.70 3.84 -17.45
CA VAL B 205 -19.60 2.90 -18.17
C VAL B 205 -20.95 3.65 -18.40
N PRO B 206 -21.34 3.97 -19.66
CA PRO B 206 -22.56 4.78 -19.88
C PRO B 206 -23.83 4.01 -19.62
N VAL B 207 -24.89 4.73 -19.18
CA VAL B 207 -26.14 4.07 -18.80
C VAL B 207 -26.75 3.23 -19.99
N GLU B 208 -26.41 3.57 -21.25
CA GLU B 208 -26.87 2.87 -22.46
C GLU B 208 -26.27 1.49 -22.61
N SER B 209 -25.04 1.31 -22.09
CA SER B 209 -24.29 0.04 -22.09
C SER B 209 -24.91 -0.96 -21.14
N MET B 210 -25.52 -0.46 -20.04
CA MET B 210 -26.31 -1.26 -19.11
C MET B 210 -27.58 -1.78 -19.79
N GLU B 211 -28.17 -0.99 -20.69
CA GLU B 211 -29.40 -1.44 -21.35
C GLU B 211 -29.10 -2.48 -22.42
N THR B 212 -28.05 -2.27 -23.20
CA THR B 212 -27.56 -3.30 -24.11
C THR B 212 -27.30 -4.63 -23.38
N THR B 213 -26.59 -4.55 -22.24
CA THR B 213 -26.25 -5.67 -21.37
C THR B 213 -27.50 -6.31 -20.82
N MET B 214 -28.49 -5.51 -20.38
CA MET B 214 -29.75 -6.10 -19.91
C MET B 214 -30.52 -6.86 -21.02
N ARG B 215 -30.35 -6.44 -22.27
CA ARG B 215 -30.99 -7.01 -23.45
C ARG B 215 -30.30 -8.26 -23.94
N SER B 216 -28.97 -8.32 -23.81
CA SER B 216 -28.19 -9.47 -24.25
C SER B 216 -28.58 -10.81 -23.54
N PRO B 217 -28.45 -11.98 -24.24
CA PRO B 217 -28.85 -13.26 -23.63
C PRO B 217 -28.20 -13.64 -22.29
N VAL B 218 -29.01 -14.23 -21.38
CA VAL B 218 -28.63 -14.83 -20.09
C VAL B 218 -27.44 -15.80 -20.20
N PHE B 219 -27.48 -16.67 -21.22
CA PHE B 219 -26.44 -17.62 -21.59
C PHE B 219 -26.45 -17.78 -23.13
N THR B 220 -25.29 -17.49 -23.76
CA THR B 220 -25.05 -17.81 -25.18
C THR B 220 -24.27 -19.13 -25.27
N ASP B 221 -24.62 -20.01 -26.25
CA ASP B 221 -23.90 -21.27 -26.45
C ASP B 221 -22.75 -21.16 -27.45
N ASN B 222 -21.52 -21.51 -27.01
CA ASN B 222 -20.33 -21.62 -27.88
C ASN B 222 -19.63 -22.97 -27.70
N SER B 223 -20.33 -24.00 -27.16
CA SER B 223 -19.82 -25.38 -27.03
C SER B 223 -19.56 -26.00 -28.40
N SER B 224 -20.46 -25.76 -29.35
CA SER B 224 -20.34 -26.34 -30.69
C SER B 224 -19.60 -25.39 -31.63
N PRO B 225 -18.72 -25.90 -32.52
CA PRO B 225 -17.93 -24.99 -33.37
C PRO B 225 -18.74 -24.40 -34.53
N PRO B 226 -18.42 -23.15 -34.90
CA PRO B 226 -19.12 -22.49 -36.03
C PRO B 226 -19.06 -23.22 -37.37
N ALA B 227 -19.85 -22.74 -38.37
CA ALA B 227 -19.85 -23.29 -39.74
C ALA B 227 -19.28 -22.27 -40.66
N VAL B 228 -18.45 -22.69 -41.62
CA VAL B 228 -17.60 -21.76 -42.35
C VAL B 228 -18.48 -20.83 -43.18
N PRO B 229 -18.55 -19.53 -42.82
CA PRO B 229 -19.62 -18.67 -43.40
C PRO B 229 -19.32 -18.15 -44.82
N GLN B 230 -20.28 -17.44 -45.45
CA GLN B 230 -20.06 -16.81 -46.77
C GLN B 230 -19.01 -15.66 -46.71
N SER B 231 -19.12 -14.79 -45.68
CA SER B 231 -18.17 -13.71 -45.42
C SER B 231 -17.42 -13.93 -44.09
N PHE B 232 -16.27 -13.24 -43.94
CA PHE B 232 -15.43 -13.26 -42.74
C PHE B 232 -16.24 -13.08 -41.42
N GLN B 233 -15.95 -13.97 -40.47
CA GLN B 233 -16.58 -13.96 -39.16
C GLN B 233 -15.50 -14.22 -38.10
N VAL B 234 -15.56 -13.48 -36.99
CA VAL B 234 -14.81 -13.87 -35.80
C VAL B 234 -15.79 -14.64 -34.92
N ALA B 235 -15.42 -15.87 -34.53
CA ALA B 235 -16.33 -16.67 -33.75
C ALA B 235 -15.64 -17.06 -32.45
N HIS B 236 -16.40 -17.46 -31.42
CA HIS B 236 -15.84 -17.94 -30.15
C HIS B 236 -16.23 -19.40 -29.94
N LEU B 237 -15.29 -20.19 -29.36
CA LEU B 237 -15.53 -21.58 -29.02
C LEU B 237 -15.16 -21.85 -27.57
N HIS B 238 -16.19 -22.03 -26.73
CA HIS B 238 -16.00 -22.35 -25.32
C HIS B 238 -16.27 -23.83 -25.05
N ALA B 239 -15.20 -24.62 -24.90
CA ALA B 239 -15.30 -26.07 -24.70
C ALA B 239 -14.15 -26.62 -23.86
N PRO B 240 -14.38 -27.71 -23.08
CA PRO B 240 -13.28 -28.31 -22.31
C PRO B 240 -12.05 -28.65 -23.15
N THR B 241 -10.90 -28.64 -22.48
CA THR B 241 -9.62 -29.09 -23.03
C THR B 241 -9.77 -30.59 -23.38
N GLY B 242 -9.40 -30.94 -24.62
CA GLY B 242 -9.46 -32.31 -25.12
C GLY B 242 -10.88 -32.82 -25.27
N SER B 243 -11.80 -31.91 -25.64
CA SER B 243 -13.10 -32.24 -26.21
C SER B 243 -12.86 -32.64 -27.67
N GLY B 244 -11.90 -31.97 -28.30
CA GLY B 244 -11.52 -32.11 -29.69
C GLY B 244 -11.39 -30.78 -30.40
N LYS B 245 -11.37 -29.65 -29.62
CA LYS B 245 -11.42 -28.29 -30.14
C LYS B 245 -10.18 -27.98 -30.97
N SER B 246 -9.10 -28.74 -30.69
CA SER B 246 -7.80 -28.64 -31.36
C SER B 246 -7.37 -29.93 -32.12
N THR B 247 -8.27 -30.93 -32.21
CA THR B 247 -8.08 -32.21 -32.88
C THR B 247 -9.31 -32.63 -33.74
N LYS B 248 -10.47 -32.97 -33.11
CA LYS B 248 -11.69 -33.35 -33.85
C LYS B 248 -12.13 -32.21 -34.79
N VAL B 249 -12.22 -30.96 -34.26
CA VAL B 249 -12.82 -29.86 -35.00
C VAL B 249 -11.89 -29.52 -36.20
N PRO B 250 -10.52 -29.29 -36.08
CA PRO B 250 -9.71 -29.12 -37.32
C PRO B 250 -9.87 -30.20 -38.39
N ALA B 251 -9.88 -31.48 -37.96
CA ALA B 251 -10.08 -32.60 -38.85
C ALA B 251 -11.45 -32.46 -39.51
N ALA B 252 -12.52 -32.25 -38.72
CA ALA B 252 -13.88 -32.04 -39.22
C ALA B 252 -13.89 -31.00 -40.31
N TYR B 253 -13.36 -29.84 -40.04
CA TYR B 253 -13.24 -28.75 -40.99
C TYR B 253 -12.49 -29.14 -42.27
N ALA B 254 -11.36 -29.91 -42.13
CA ALA B 254 -10.53 -30.32 -43.26
C ALA B 254 -11.27 -31.36 -44.11
N ALA B 255 -12.04 -32.25 -43.45
CA ALA B 255 -12.94 -33.21 -44.11
C ALA B 255 -13.90 -32.50 -45.05
N GLN B 256 -14.28 -31.26 -44.72
CA GLN B 256 -15.18 -30.46 -45.56
C GLN B 256 -14.43 -29.79 -46.73
N GLY B 257 -13.12 -29.96 -46.78
CA GLY B 257 -12.31 -29.36 -47.83
C GLY B 257 -11.55 -28.11 -47.44
N TYR B 258 -11.53 -27.76 -46.17
CA TYR B 258 -10.91 -26.50 -45.77
C TYR B 258 -9.40 -26.60 -45.38
N LYS B 259 -8.60 -25.58 -45.74
CA LYS B 259 -7.27 -25.44 -45.18
C LYS B 259 -7.33 -24.68 -43.84
N VAL B 260 -6.80 -25.30 -42.76
CA VAL B 260 -6.90 -24.75 -41.42
C VAL B 260 -5.50 -24.64 -40.73
N LEU B 261 -5.36 -23.56 -39.93
CA LEU B 261 -4.23 -23.20 -39.08
C LEU B 261 -4.66 -23.27 -37.61
N VAL B 262 -3.87 -23.99 -36.80
CA VAL B 262 -4.14 -24.17 -35.38
C VAL B 262 -3.00 -23.52 -34.63
N LEU B 263 -3.33 -22.51 -33.83
CA LEU B 263 -2.31 -21.83 -33.03
C LEU B 263 -2.45 -22.18 -31.57
N ASN B 264 -1.32 -22.50 -30.96
CA ASN B 264 -1.32 -22.88 -29.57
C ASN B 264 -0.13 -22.17 -28.89
N PRO B 265 -0.19 -21.85 -27.59
CA PRO B 265 1.00 -21.27 -26.94
C PRO B 265 2.05 -22.26 -26.40
N SER B 266 2.01 -23.54 -26.75
CA SER B 266 3.01 -24.47 -26.24
C SER B 266 3.68 -25.24 -27.36
N VAL B 267 5.02 -25.35 -27.31
CA VAL B 267 5.83 -26.13 -28.26
C VAL B 267 5.47 -27.58 -28.12
N ALA B 268 5.44 -28.08 -26.87
CA ALA B 268 5.16 -29.48 -26.50
C ALA B 268 3.82 -29.92 -27.01
N ALA B 269 2.79 -29.05 -26.83
CA ALA B 269 1.45 -29.35 -27.28
C ALA B 269 1.36 -29.30 -28.82
N THR B 270 1.97 -28.28 -29.46
CA THR B 270 2.04 -28.17 -30.92
C THR B 270 2.65 -29.39 -31.59
N LEU B 271 3.85 -29.80 -31.12
CA LEU B 271 4.50 -31.05 -31.51
C LEU B 271 3.57 -32.28 -31.36
N GLY B 272 3.01 -32.48 -30.17
CA GLY B 272 2.20 -33.66 -29.84
C GLY B 272 1.00 -33.89 -30.72
N PHE B 273 0.43 -32.75 -31.22
CA PHE B 273 -0.73 -32.68 -32.12
C PHE B 273 -0.48 -33.37 -33.41
N GLY B 274 0.76 -33.31 -33.92
CA GLY B 274 1.16 -33.98 -35.14
C GLY B 274 1.03 -35.49 -35.08
N ALA B 275 1.57 -36.12 -34.01
CA ALA B 275 1.53 -37.59 -33.84
C ALA B 275 0.13 -38.11 -33.54
N TYR B 276 -0.71 -37.31 -32.84
CA TYR B 276 -2.06 -37.71 -32.51
C TYR B 276 -2.96 -37.63 -33.72
N MET B 277 -2.83 -36.61 -34.55
CA MET B 277 -3.62 -36.45 -35.76
C MET B 277 -3.36 -37.58 -36.74
N SER B 278 -2.09 -38.00 -36.93
CA SER B 278 -1.78 -39.00 -37.94
C SER B 278 -2.26 -40.40 -37.51
N LYS B 279 -2.41 -40.61 -36.19
CA LYS B 279 -3.00 -41.80 -35.59
C LYS B 279 -4.52 -41.69 -35.62
N ALA B 280 -5.11 -40.71 -34.89
CA ALA B 280 -6.54 -40.48 -34.74
C ALA B 280 -7.28 -40.22 -36.04
N HIS B 281 -6.77 -39.37 -36.95
CA HIS B 281 -7.58 -38.96 -38.10
C HIS B 281 -6.96 -39.17 -39.49
N GLY B 282 -5.82 -39.86 -39.55
CA GLY B 282 -5.12 -40.02 -40.82
C GLY B 282 -4.59 -38.75 -41.46
N ILE B 283 -4.44 -37.63 -40.68
CA ILE B 283 -3.89 -36.39 -41.21
C ILE B 283 -2.49 -36.28 -40.67
N ASP B 284 -1.45 -36.40 -41.52
CA ASP B 284 -0.12 -36.06 -41.05
C ASP B 284 0.11 -34.54 -41.33
N PRO B 285 -0.12 -33.67 -40.33
CA PRO B 285 -0.23 -32.24 -40.63
C PRO B 285 1.16 -31.61 -40.73
N ASN B 286 1.21 -30.28 -40.91
CA ASN B 286 2.45 -29.51 -40.85
C ASN B 286 2.58 -29.08 -39.45
N ILE B 287 3.80 -29.20 -38.93
CA ILE B 287 4.15 -28.78 -37.56
C ILE B 287 5.16 -27.66 -37.69
N ARG B 288 4.92 -26.53 -37.03
CA ARG B 288 5.81 -25.37 -36.96
C ARG B 288 6.04 -24.87 -35.53
N THR B 289 7.19 -25.21 -34.97
CA THR B 289 7.68 -24.70 -33.67
C THR B 289 9.07 -24.06 -33.96
N GLY B 290 9.61 -23.26 -33.04
CA GLY B 290 10.98 -22.75 -33.15
C GLY B 290 11.97 -23.88 -33.39
N VAL B 291 11.93 -24.90 -32.53
CA VAL B 291 12.85 -26.02 -32.48
C VAL B 291 12.73 -26.96 -33.70
N ARG B 292 11.55 -27.12 -34.30
CA ARG B 292 11.30 -28.14 -35.32
C ARG B 292 10.20 -27.67 -36.29
N THR B 293 10.35 -27.99 -37.60
CA THR B 293 9.41 -27.66 -38.68
C THR B 293 9.22 -28.91 -39.57
N ILE B 294 7.95 -29.25 -39.86
CA ILE B 294 7.59 -30.34 -40.78
C ILE B 294 6.60 -29.81 -41.81
N THR B 295 6.95 -29.85 -43.06
CA THR B 295 6.04 -29.50 -44.13
C THR B 295 5.80 -30.76 -44.93
N THR B 296 4.55 -31.18 -44.92
CA THR B 296 4.00 -32.41 -45.48
C THR B 296 3.09 -32.04 -46.69
N GLY B 297 2.71 -30.76 -46.75
CA GLY B 297 1.66 -30.28 -47.64
C GLY B 297 0.29 -30.82 -47.28
N ALA B 298 -0.05 -30.88 -45.97
CA ALA B 298 -1.39 -31.29 -45.55
C ALA B 298 -2.30 -30.06 -45.49
N PRO B 299 -3.66 -30.23 -45.50
CA PRO B 299 -4.55 -29.08 -45.31
C PRO B 299 -4.73 -28.66 -43.83
N VAL B 300 -4.05 -29.35 -42.86
CA VAL B 300 -3.98 -28.87 -41.45
C VAL B 300 -2.54 -28.55 -41.05
N THR B 301 -2.34 -27.33 -40.53
CA THR B 301 -1.09 -26.91 -39.89
C THR B 301 -1.36 -26.74 -38.41
N TYR B 302 -0.39 -27.17 -37.57
CA TYR B 302 -0.26 -26.80 -36.16
C TYR B 302 0.98 -25.93 -36.02
N SER B 303 0.81 -24.70 -35.55
CA SER B 303 1.94 -23.79 -35.29
C SER B 303 1.87 -23.12 -33.86
N THR B 304 3.00 -22.78 -33.26
CA THR B 304 2.97 -21.91 -32.08
C THR B 304 2.66 -20.47 -32.49
N TYR B 305 2.32 -19.65 -31.51
CA TYR B 305 2.04 -18.24 -31.75
C TYR B 305 3.30 -17.52 -32.17
N GLY B 306 4.39 -17.75 -31.44
CA GLY B 306 5.72 -17.25 -31.78
C GLY B 306 6.21 -17.69 -33.15
N LYS B 307 6.06 -18.98 -33.50
CA LYS B 307 6.55 -19.45 -34.79
C LYS B 307 5.72 -18.83 -35.91
N PHE B 308 4.42 -18.57 -35.63
CA PHE B 308 3.47 -17.90 -36.54
C PHE B 308 3.90 -16.43 -36.76
N LEU B 309 4.36 -15.78 -35.67
CA LEU B 309 4.84 -14.41 -35.69
C LEU B 309 6.18 -14.33 -36.37
N ALA B 310 7.09 -15.27 -36.06
CA ALA B 310 8.45 -15.28 -36.58
C ALA B 310 8.41 -15.51 -38.04
N ASP B 311 7.31 -16.15 -38.51
CA ASP B 311 7.01 -16.55 -39.88
C ASP B 311 6.56 -15.44 -40.79
N GLY B 312 6.14 -14.32 -40.23
CA GLY B 312 5.52 -13.24 -40.98
C GLY B 312 4.03 -13.00 -40.73
N GLY B 313 3.40 -13.78 -39.84
CA GLY B 313 1.96 -13.78 -39.69
C GLY B 313 1.22 -14.49 -40.83
N CYS B 314 0.05 -13.94 -41.23
CA CYS B 314 -0.84 -14.55 -42.21
C CYS B 314 -0.26 -14.63 -43.62
N SER B 315 0.07 -15.89 -44.03
CA SER B 315 0.54 -16.26 -45.37
C SER B 315 -0.62 -16.16 -46.37
N GLY B 316 -0.48 -15.21 -47.30
CA GLY B 316 -1.53 -14.80 -48.24
C GLY B 316 -2.20 -15.93 -49.02
N GLY B 317 -3.40 -16.28 -48.55
CA GLY B 317 -4.23 -17.27 -49.22
C GLY B 317 -3.98 -18.69 -48.79
N ALA B 318 -3.09 -18.88 -47.78
CA ALA B 318 -2.75 -20.19 -47.24
C ALA B 318 -3.87 -20.86 -46.41
N TYR B 319 -4.75 -20.08 -45.74
CA TYR B 319 -5.71 -20.69 -44.81
C TYR B 319 -7.07 -20.05 -44.86
N ASP B 320 -8.13 -20.90 -44.73
CA ASP B 320 -9.55 -20.58 -44.66
C ASP B 320 -10.02 -20.38 -43.23
N ILE B 321 -9.65 -21.32 -42.36
CA ILE B 321 -9.88 -21.17 -40.92
C ILE B 321 -8.54 -20.93 -40.18
N ILE B 322 -8.52 -19.97 -39.25
CA ILE B 322 -7.51 -19.88 -38.18
C ILE B 322 -8.22 -20.19 -36.85
N ILE B 323 -7.69 -21.16 -36.10
CA ILE B 323 -8.17 -21.49 -34.76
C ILE B 323 -7.05 -20.99 -33.79
N CYS B 324 -7.38 -19.98 -33.01
CA CYS B 324 -6.53 -19.45 -31.99
C CYS B 324 -6.90 -20.18 -30.73
N ASP B 325 -6.26 -21.31 -30.48
CA ASP B 325 -6.57 -22.13 -29.33
C ASP B 325 -5.78 -21.65 -28.09
N GLU B 326 -6.41 -21.79 -26.87
CA GLU B 326 -5.90 -21.33 -25.56
C GLU B 326 -5.84 -19.80 -25.49
N CYS B 327 -6.88 -19.14 -26.05
CA CYS B 327 -6.91 -17.69 -26.25
C CYS B 327 -7.13 -16.88 -24.94
N HIS B 328 -7.33 -17.58 -23.84
CA HIS B 328 -7.32 -17.05 -22.48
C HIS B 328 -5.91 -16.64 -21.98
N SER B 329 -4.81 -17.23 -22.55
CA SER B 329 -3.39 -16.92 -22.28
C SER B 329 -3.14 -15.47 -22.50
N THR B 330 -2.42 -14.89 -21.53
CA THR B 330 -2.15 -13.46 -21.44
C THR B 330 -0.64 -13.22 -21.48
N ASP B 331 0.11 -14.21 -21.99
CA ASP B 331 1.52 -13.91 -22.22
C ASP B 331 1.70 -13.10 -23.50
N SER B 332 2.79 -12.29 -23.55
CA SER B 332 2.99 -11.36 -24.67
C SER B 332 2.82 -12.03 -26.04
N THR B 333 3.38 -13.25 -26.21
CA THR B 333 3.38 -13.89 -27.54
C THR B 333 1.95 -14.27 -28.01
N THR B 334 1.10 -14.73 -27.06
CA THR B 334 -0.28 -15.06 -27.38
C THR B 334 -1.07 -13.80 -27.80
N ILE B 335 -0.99 -12.73 -27.01
CA ILE B 335 -1.72 -11.48 -27.24
C ILE B 335 -1.30 -10.91 -28.59
N LEU B 336 0.04 -10.89 -28.83
CA LEU B 336 0.59 -10.40 -30.09
C LEU B 336 0.23 -11.31 -31.29
N GLY B 337 0.35 -12.63 -31.13
CA GLY B 337 -0.06 -13.64 -32.10
C GLY B 337 -1.53 -13.55 -32.52
N ILE B 338 -2.48 -13.54 -31.53
CA ILE B 338 -3.92 -13.33 -31.75
C ILE B 338 -4.23 -12.00 -32.41
N GLY B 339 -3.68 -10.91 -31.91
CA GLY B 339 -3.83 -9.58 -32.50
C GLY B 339 -3.48 -9.53 -33.98
N THR B 340 -2.36 -10.20 -34.36
CA THR B 340 -1.89 -10.37 -35.74
C THR B 340 -2.92 -11.08 -36.63
N VAL B 341 -3.45 -12.26 -36.15
CA VAL B 341 -4.53 -13.03 -36.76
C VAL B 341 -5.73 -12.14 -37.04
N LEU B 342 -6.25 -11.40 -36.03
CA LEU B 342 -7.39 -10.46 -36.16
C LEU B 342 -7.11 -9.28 -37.11
N ASP B 343 -5.84 -8.90 -37.29
CA ASP B 343 -5.54 -7.77 -38.17
C ASP B 343 -5.36 -8.21 -39.63
N GLN B 344 -5.04 -9.49 -39.82
CA GLN B 344 -4.60 -9.96 -41.13
C GLN B 344 -5.54 -10.98 -41.81
N ALA B 345 -6.19 -11.85 -41.03
CA ALA B 345 -6.96 -12.97 -41.57
C ALA B 345 -7.89 -12.61 -42.77
N GLU B 346 -8.82 -11.62 -42.64
CA GLU B 346 -9.79 -11.19 -43.67
C GLU B 346 -9.15 -10.80 -45.02
N THR B 347 -8.10 -9.96 -45.00
CA THR B 347 -7.31 -9.60 -46.20
C THR B 347 -6.55 -10.77 -46.82
N ALA B 348 -6.08 -11.72 -45.99
CA ALA B 348 -5.27 -12.88 -46.38
C ALA B 348 -6.13 -14.12 -46.76
N GLY B 349 -7.41 -13.87 -47.05
CA GLY B 349 -8.32 -14.83 -47.67
C GLY B 349 -9.18 -15.65 -46.73
N ALA B 350 -8.98 -15.50 -45.38
CA ALA B 350 -9.68 -16.28 -44.36
C ALA B 350 -11.11 -15.92 -44.33
N ARG B 351 -11.94 -16.91 -44.01
CA ARG B 351 -13.39 -16.80 -43.93
C ARG B 351 -13.82 -16.89 -42.48
N LEU B 352 -13.01 -17.57 -41.65
CA LEU B 352 -13.35 -17.85 -40.26
C LEU B 352 -12.13 -17.80 -39.37
N VAL B 353 -12.23 -17.06 -38.25
CA VAL B 353 -11.26 -17.06 -37.19
C VAL B 353 -11.90 -17.70 -35.98
CA VAL B 354 -12.46 -19.29 -33.92
C VAL B 354 -11.47 -18.87 -32.87
N LEU B 355 -11.97 -18.33 -31.74
CA LEU B 355 -11.20 -18.05 -30.54
C LEU B 355 -11.62 -19.09 -29.52
N ALA B 356 -10.72 -20.06 -29.24
CA ALA B 356 -11.00 -21.28 -28.51
C ALA B 356 -10.30 -21.32 -27.18
N THR B 357 -11.04 -21.73 -26.13
CA THR B 357 -10.67 -21.73 -24.69
C THR B 357 -11.79 -22.42 -23.87
N ALA B 358 -11.41 -23.06 -22.77
CA ALA B 358 -12.31 -23.66 -21.76
C ALA B 358 -12.52 -22.71 -20.56
N THR B 359 -11.81 -21.55 -20.56
CA THR B 359 -11.79 -20.60 -19.47
C THR B 359 -11.86 -19.18 -20.02
N PRO B 360 -13.02 -18.74 -20.61
CA PRO B 360 -13.09 -17.36 -21.17
C PRO B 360 -12.94 -16.26 -20.09
N PRO B 361 -12.86 -14.92 -20.38
CA PRO B 361 -12.97 -13.93 -19.28
C PRO B 361 -14.31 -14.03 -18.51
N GLY B 362 -14.25 -13.87 -17.20
CA GLY B 362 -15.42 -13.94 -16.33
C GLY B 362 -15.81 -15.34 -15.90
N SER B 363 -15.03 -16.36 -16.31
CA SER B 363 -15.27 -17.75 -15.87
C SER B 363 -14.78 -17.98 -14.43
N VAL B 364 -15.34 -18.98 -13.76
CA VAL B 364 -14.94 -19.35 -12.39
C VAL B 364 -14.71 -20.85 -12.25
N THR B 365 -13.89 -21.29 -11.25
CA THR B 365 -13.64 -22.73 -11.14
C THR B 365 -14.77 -23.45 -10.45
N VAL B 366 -15.37 -24.37 -11.22
CA VAL B 366 -16.51 -25.20 -10.84
C VAL B 366 -16.09 -26.66 -10.66
N PRO B 367 -16.85 -27.44 -9.86
CA PRO B 367 -16.58 -28.89 -9.77
C PRO B 367 -16.48 -29.60 -11.11
N HIS B 368 -15.48 -30.47 -11.21
CA HIS B 368 -15.26 -31.39 -12.32
C HIS B 368 -15.61 -32.84 -11.81
N PRO B 369 -16.32 -33.66 -12.62
CA PRO B 369 -16.70 -35.03 -12.16
C PRO B 369 -15.55 -35.99 -11.76
N ASN B 370 -14.46 -36.01 -12.56
CA ASN B 370 -13.27 -36.86 -12.43
C ASN B 370 -12.28 -36.35 -11.35
N ILE B 371 -12.54 -35.21 -10.66
CA ILE B 371 -11.54 -34.66 -9.72
C ILE B 371 -12.12 -34.47 -8.32
N GLU B 372 -11.52 -35.21 -7.32
CA GLU B 372 -11.66 -35.05 -5.86
C GLU B 372 -10.87 -33.81 -5.39
N GLU B 373 -11.56 -32.82 -4.77
CA GLU B 373 -10.85 -31.62 -4.28
C GLU B 373 -10.69 -31.64 -2.77
N VAL B 374 -9.45 -31.78 -2.30
CA VAL B 374 -9.12 -31.98 -0.88
C VAL B 374 -8.23 -30.84 -0.43
N ALA B 375 -8.61 -30.08 0.59
CA ALA B 375 -7.71 -29.03 1.13
C ALA B 375 -6.60 -29.64 1.95
N LEU B 376 -5.44 -29.00 1.94
CA LEU B 376 -4.35 -29.46 2.78
C LEU B 376 -4.64 -29.10 4.23
N SER B 377 -4.00 -29.78 5.20
CA SER B 377 -4.06 -29.38 6.60
C SER B 377 -2.66 -29.05 7.13
N ASN B 378 -2.47 -29.12 8.48
CA ASN B 378 -1.17 -28.93 9.13
C ASN B 378 -0.54 -30.25 9.58
N THR B 379 -1.29 -31.35 9.38
CA THR B 379 -0.88 -32.75 9.46
C THR B 379 -0.06 -33.11 8.17
N GLY B 380 1.24 -33.35 8.33
CA GLY B 380 2.13 -33.76 7.25
C GLY B 380 3.61 -33.70 7.56
N GLU B 381 4.38 -34.62 6.98
CA GLU B 381 5.84 -34.69 7.15
C GLU B 381 6.56 -33.60 6.32
N ILE B 382 5.93 -33.15 5.20
CA ILE B 382 6.48 -32.22 4.23
C ILE B 382 5.76 -30.92 4.41
N PRO B 383 6.45 -29.89 4.97
CA PRO B 383 5.94 -28.49 4.91
C PRO B 383 5.74 -27.92 3.52
N PHE B 384 4.55 -27.38 3.28
CA PHE B 384 4.16 -26.76 2.03
C PHE B 384 3.38 -25.44 2.28
N TYR B 385 3.97 -24.26 1.94
CA TYR B 385 3.28 -22.95 2.00
C TYR B 385 2.44 -22.73 3.31
N GLY B 386 3.02 -23.08 4.46
CA GLY B 386 2.37 -22.90 5.76
C GLY B 386 1.38 -23.99 6.12
N LYS B 387 1.04 -24.84 5.15
CA LYS B 387 0.29 -26.09 5.33
C LYS B 387 1.30 -27.27 5.28
N ALA B 388 0.82 -28.53 5.38
CA ALA B 388 1.66 -29.70 5.24
C ALA B 388 1.05 -30.77 4.28
N ILE B 389 1.95 -31.43 3.51
CA ILE B 389 1.68 -32.63 2.71
C ILE B 389 2.08 -33.89 3.52
N PRO B 390 1.14 -34.84 3.72
CA PRO B 390 1.55 -36.15 4.28
C PRO B 390 2.36 -36.92 3.24
N ILE B 391 3.45 -37.58 3.68
CA ILE B 391 4.30 -38.32 2.74
C ILE B 391 3.52 -39.47 1.99
N GLU B 392 2.50 -40.06 2.66
CA GLU B 392 1.60 -41.09 2.13
C GLU B 392 0.73 -40.63 0.94
N ALA B 393 0.52 -39.31 0.78
CA ALA B 393 -0.28 -38.76 -0.31
C ALA B 393 0.49 -38.69 -1.61
N ILE B 394 1.83 -38.88 -1.57
CA ILE B 394 2.76 -38.70 -2.67
C ILE B 394 3.86 -39.78 -2.77
N ARG B 395 3.89 -40.79 -1.84
CA ARG B 395 4.95 -41.80 -1.73
C ARG B 395 5.14 -42.59 -3.02
N GLY B 396 4.07 -43.12 -3.60
CA GLY B 396 4.16 -43.83 -4.88
C GLY B 396 3.27 -43.19 -5.92
N GLY B 397 3.31 -43.65 -7.18
CA GLY B 397 2.61 -43.02 -8.30
C GLY B 397 3.16 -41.66 -8.75
N ARG B 398 2.41 -40.99 -9.64
CA ARG B 398 2.92 -39.75 -10.24
C ARG B 398 2.13 -38.57 -9.80
N HIS B 399 2.81 -37.57 -9.22
CA HIS B 399 2.21 -36.38 -8.62
C HIS B 399 2.91 -35.14 -9.09
N LEU B 400 2.18 -34.04 -9.18
CA LEU B 400 2.71 -32.75 -9.61
C LEU B 400 2.45 -31.71 -8.55
N ILE B 401 3.47 -30.92 -8.20
CA ILE B 401 3.39 -29.88 -7.17
C ILE B 401 3.69 -28.55 -7.81
N PHE B 402 2.71 -27.64 -7.80
CA PHE B 402 3.01 -26.28 -8.30
C PHE B 402 3.55 -25.44 -7.17
N CYS B 403 4.82 -24.96 -7.34
CA CYS B 403 5.45 -23.84 -6.62
C CYS B 403 5.51 -22.52 -7.41
N HIS B 404 5.54 -21.39 -6.72
CA HIS B 404 5.45 -20.11 -7.41
C HIS B 404 6.81 -19.68 -8.01
N SER B 405 7.91 -20.10 -7.36
CA SER B 405 9.26 -19.70 -7.69
C SER B 405 10.18 -20.89 -7.99
N LYS B 406 11.25 -20.65 -8.76
CA LYS B 406 12.37 -21.55 -8.96
C LYS B 406 12.97 -21.97 -7.58
N LYS B 407 13.23 -21.01 -6.68
CA LYS B 407 13.83 -21.32 -5.38
C LYS B 407 13.03 -22.38 -4.59
N LYS B 408 11.70 -22.25 -4.54
CA LYS B 408 10.83 -23.20 -3.82
C LYS B 408 10.90 -24.63 -4.41
N CYS B 409 10.82 -24.73 -5.76
CA CYS B 409 10.96 -25.95 -6.50
C CYS B 409 12.16 -26.72 -6.12
N ASP B 410 13.34 -26.07 -6.07
CA ASP B 410 14.63 -26.67 -5.67
C ASP B 410 14.62 -27.12 -4.21
N GLU B 411 14.18 -26.24 -3.27
CA GLU B 411 14.03 -26.56 -1.85
C GLU B 411 13.19 -27.81 -1.64
N LEU B 412 11.90 -27.77 -2.11
CA LEU B 412 10.99 -28.91 -2.01
C LEU B 412 11.54 -30.21 -2.58
N ALA B 413 11.99 -30.18 -3.85
CA ALA B 413 12.65 -31.27 -4.56
C ALA B 413 13.83 -31.88 -3.76
N ALA B 414 14.64 -31.03 -3.14
CA ALA B 414 15.76 -31.47 -2.30
C ALA B 414 15.26 -32.26 -1.06
N LYS B 415 14.31 -31.66 -0.27
CA LYS B 415 13.63 -32.29 0.87
C LYS B 415 13.20 -33.73 0.55
N LEU B 416 12.27 -33.89 -0.42
CA LEU B 416 11.69 -35.17 -0.85
C LEU B 416 12.74 -36.16 -1.35
N SER B 417 13.76 -35.69 -2.09
CA SER B 417 14.88 -36.56 -2.49
C SER B 417 15.64 -37.18 -1.26
N GLY B 418 15.80 -36.36 -0.20
CA GLY B 418 16.33 -36.75 1.09
C GLY B 418 15.46 -37.77 1.80
N LEU B 419 14.13 -37.57 1.68
CA LEU B 419 13.16 -38.55 2.21
C LEU B 419 13.09 -39.89 1.38
N GLY B 420 13.81 -39.97 0.26
CA GLY B 420 13.81 -41.10 -0.66
C GLY B 420 12.68 -41.08 -1.68
N ILE B 421 11.92 -39.97 -1.73
CA ILE B 421 10.89 -39.83 -2.77
C ILE B 421 11.59 -39.50 -4.09
N ASN B 422 11.31 -40.26 -5.14
CA ASN B 422 11.75 -39.90 -6.49
C ASN B 422 11.14 -38.54 -6.95
N ALA B 423 11.93 -37.44 -6.74
CA ALA B 423 11.49 -36.07 -6.93
C ALA B 423 12.35 -35.36 -7.93
N VAL B 424 11.73 -34.54 -8.77
CA VAL B 424 12.45 -33.70 -9.72
C VAL B 424 11.82 -32.29 -9.83
N ALA B 425 12.66 -31.23 -9.92
CA ALA B 425 12.25 -29.84 -10.23
C ALA B 425 12.19 -29.61 -11.73
N TYR B 426 11.23 -28.81 -12.20
CA TYR B 426 11.19 -28.27 -13.57
C TYR B 426 10.75 -26.85 -13.53
N TYR B 427 11.51 -25.95 -14.19
CA TYR B 427 11.15 -24.53 -14.40
C TYR B 427 11.84 -23.99 -15.65
N ARG B 428 11.57 -22.71 -16.04
CA ARG B 428 12.21 -21.99 -17.15
C ARG B 428 13.74 -22.15 -17.05
N GLY B 429 14.36 -22.60 -18.13
CA GLY B 429 15.79 -22.79 -18.18
C GLY B 429 16.21 -24.23 -18.17
N LEU B 430 15.40 -25.09 -17.55
CA LEU B 430 15.69 -26.52 -17.47
C LEU B 430 15.16 -27.23 -18.68
N ASP B 431 15.81 -28.32 -19.07
CA ASP B 431 15.24 -29.15 -20.10
C ASP B 431 14.12 -30.05 -19.60
N VAL B 432 13.08 -30.23 -20.43
CA VAL B 432 12.05 -31.23 -20.23
C VAL B 432 12.72 -32.54 -20.59
N SER B 433 12.86 -33.46 -19.64
CA SER B 433 13.59 -34.77 -19.75
C SER B 433 14.23 -35.00 -18.43
N VAL B 434 14.26 -33.93 -17.63
CA VAL B 434 14.27 -34.01 -16.18
C VAL B 434 12.98 -34.75 -15.75
N ILE B 435 11.79 -34.48 -16.38
CA ILE B 435 10.56 -35.21 -16.00
C ILE B 435 10.54 -36.59 -16.61
N PRO B 436 10.66 -37.68 -15.78
CA PRO B 436 10.49 -39.04 -16.35
C PRO B 436 9.07 -39.31 -16.84
N THR B 437 9.02 -39.71 -18.06
CA THR B 437 7.87 -40.21 -18.77
C THR B 437 7.15 -41.37 -18.05
N ILE B 438 7.88 -42.32 -17.37
CA ILE B 438 7.14 -43.52 -17.03
C ILE B 438 7.05 -43.91 -15.50
N GLY B 439 7.99 -43.56 -14.66
CA GLY B 439 7.81 -44.14 -13.31
C GLY B 439 7.06 -43.31 -12.27
N ASP B 440 7.00 -43.80 -11.01
CA ASP B 440 6.80 -42.95 -9.81
C ASP B 440 7.65 -41.68 -9.91
N VAL B 441 7.03 -40.54 -9.76
CA VAL B 441 7.71 -39.26 -9.73
C VAL B 441 6.87 -38.23 -9.02
N VAL B 442 7.53 -37.39 -8.20
CA VAL B 442 6.99 -36.07 -7.84
C VAL B 442 7.74 -35.03 -8.67
N VAL B 443 7.01 -34.33 -9.57
CA VAL B 443 7.45 -33.20 -10.40
C VAL B 443 7.10 -31.91 -9.62
N VAL B 444 8.13 -31.18 -9.21
CA VAL B 444 8.03 -29.90 -8.49
C VAL B 444 8.27 -28.81 -9.53
N ALA B 445 7.19 -28.14 -9.94
CA ALA B 445 7.22 -27.27 -11.10
C ALA B 445 6.55 -25.93 -10.85
N THR B 446 7.09 -24.88 -11.52
CA THR B 446 6.42 -23.60 -11.78
C THR B 446 5.49 -23.76 -13.01
N ASP B 447 4.75 -22.67 -13.39
CA ASP B 447 3.82 -22.66 -14.55
C ASP B 447 4.54 -22.88 -15.83
N ALA B 448 5.87 -22.73 -15.85
CA ALA B 448 6.71 -23.11 -16.98
C ALA B 448 6.40 -24.52 -17.52
N LEU B 449 6.00 -25.45 -16.60
CA LEU B 449 5.59 -26.83 -16.85
C LEU B 449 4.55 -26.87 -17.92
N MET B 450 3.63 -25.92 -17.87
CA MET B 450 2.44 -25.91 -18.71
C MET B 450 2.68 -25.36 -20.13
N THR B 451 3.93 -25.30 -20.58
CA THR B 451 4.33 -25.03 -21.96
C THR B 451 5.39 -26.05 -22.38
N GLY B 452 6.15 -26.56 -21.42
CA GLY B 452 7.18 -27.55 -21.66
C GLY B 452 6.65 -28.96 -21.74
N TYR B 453 5.55 -29.24 -21.02
CA TYR B 453 5.18 -30.61 -20.74
C TYR B 453 3.72 -30.95 -20.91
N THR B 454 3.43 -31.91 -21.76
CA THR B 454 2.05 -32.31 -22.11
C THR B 454 1.27 -33.23 -21.07
N GLY B 455 1.98 -34.15 -20.40
CA GLY B 455 1.40 -35.21 -19.56
C GLY B 455 0.46 -34.80 -18.43
N ASP B 456 -0.32 -35.79 -17.96
CA ASP B 456 -1.25 -35.71 -16.83
C ASP B 456 -0.74 -36.51 -15.61
N PHE B 457 -1.28 -36.20 -14.39
CA PHE B 457 -0.79 -36.73 -13.14
C PHE B 457 -1.90 -37.35 -12.27
N ASP B 458 -1.53 -38.29 -11.40
CA ASP B 458 -2.46 -38.84 -10.41
C ASP B 458 -3.07 -37.78 -9.46
N SER B 459 -2.21 -36.92 -8.86
CA SER B 459 -2.65 -35.77 -8.07
C SER B 459 -1.92 -34.50 -8.50
N VAL B 460 -2.49 -33.34 -8.15
CA VAL B 460 -1.90 -32.00 -8.32
C VAL B 460 -2.06 -31.34 -6.96
N ILE B 461 -0.95 -30.79 -6.45
CA ILE B 461 -0.87 -30.04 -5.20
C ILE B 461 -0.46 -28.65 -5.56
N ASP B 462 -1.33 -27.68 -5.20
CA ASP B 462 -1.23 -26.31 -5.65
C ASP B 462 -1.04 -25.33 -4.50
N CYS B 463 0.08 -24.59 -4.52
CA CYS B 463 0.35 -23.43 -3.65
C CYS B 463 -0.64 -22.28 -3.80
N ASN B 464 -1.41 -22.27 -4.92
CA ASN B 464 -2.47 -21.33 -5.30
C ASN B 464 -1.94 -19.86 -5.56
N THR B 465 -0.59 -19.69 -5.56
CA THR B 465 0.04 -18.42 -5.89
C THR B 465 0.86 -18.51 -7.18
N CYS B 466 1.04 -17.33 -7.85
CA CYS B 466 2.03 -17.19 -8.90
C CYS B 466 2.76 -15.86 -8.84
N VAL B 467 3.86 -15.74 -9.61
CA VAL B 467 4.66 -14.53 -9.75
C VAL B 467 4.14 -13.78 -10.97
N THR B 468 3.82 -12.48 -10.83
CA THR B 468 3.31 -11.61 -11.88
C THR B 468 4.13 -10.33 -11.93
N GLN B 469 4.07 -9.61 -13.04
CA GLN B 469 4.83 -8.34 -13.16
C GLN B 469 3.93 -7.15 -13.29
N THR B 470 4.15 -6.09 -12.47
CA THR B 470 3.32 -4.89 -12.50
C THR B 470 4.14 -3.73 -12.96
N VAL B 471 3.57 -2.85 -13.80
CA VAL B 471 4.20 -1.58 -14.18
C VAL B 471 3.82 -0.60 -13.11
N ASP B 472 4.80 0.22 -12.68
CA ASP B 472 4.52 1.30 -11.76
C ASP B 472 4.99 2.57 -12.42
N PHE B 473 4.07 3.49 -12.65
CA PHE B 473 4.44 4.76 -13.28
C PHE B 473 4.98 5.66 -12.19
N SER B 474 6.26 5.38 -11.78
CA SER B 474 6.84 5.88 -10.54
C SER B 474 7.60 7.23 -10.65
N LEU B 475 7.87 7.74 -11.86
CA LEU B 475 8.44 9.09 -12.07
C LEU B 475 9.75 9.34 -11.30
N ASP B 476 10.52 8.24 -11.10
CA ASP B 476 11.75 8.13 -10.28
C ASP B 476 12.92 7.51 -11.10
N PRO B 477 13.16 7.83 -12.39
CA PRO B 477 12.66 8.96 -13.20
C PRO B 477 11.41 8.73 -14.03
N THR B 478 11.00 7.46 -14.30
CA THR B 478 10.05 7.20 -15.39
C THR B 478 9.02 6.16 -14.92
N PHE B 479 9.31 4.87 -15.16
CA PHE B 479 8.46 3.75 -14.76
C PHE B 479 9.29 2.66 -14.15
N THR B 480 8.64 1.67 -13.52
CA THR B 480 9.23 0.50 -12.86
C THR B 480 8.44 -0.73 -13.29
N ILE B 481 9.13 -1.83 -13.58
CA ILE B 481 8.50 -3.15 -13.64
C ILE B 481 8.85 -3.88 -12.38
N GLU B 482 7.86 -4.09 -11.48
CA GLU B 482 7.93 -4.81 -10.19
C GLU B 482 7.61 -6.28 -10.41
N THR B 483 8.27 -7.15 -9.68
CA THR B 483 7.87 -8.57 -9.71
C THR B 483 7.24 -8.93 -8.38
N THR B 484 5.97 -9.34 -8.39
CA THR B 484 5.25 -9.70 -7.14
C THR B 484 4.64 -11.11 -7.18
N THR B 485 4.48 -11.69 -5.97
CA THR B 485 3.75 -12.93 -5.71
C THR B 485 2.29 -12.59 -5.44
N VAL B 486 1.39 -13.11 -6.29
CA VAL B 486 -0.05 -12.86 -6.12
C VAL B 486 -0.87 -14.16 -6.09
N PRO B 487 -2.01 -14.09 -5.36
CA PRO B 487 -3.10 -15.06 -5.58
C PRO B 487 -3.36 -15.36 -7.05
N GLN B 488 -3.50 -16.65 -7.31
CA GLN B 488 -3.86 -17.14 -8.62
C GLN B 488 -5.22 -16.66 -9.02
N ASP B 489 -5.42 -16.46 -10.32
CA ASP B 489 -6.75 -16.20 -10.86
C ASP B 489 -7.47 -17.49 -11.18
N ALA B 490 -8.76 -17.40 -11.56
CA ALA B 490 -9.62 -18.54 -11.87
C ALA B 490 -9.13 -19.32 -13.08
N VAL B 491 -8.31 -18.71 -13.93
CA VAL B 491 -7.76 -19.34 -15.13
C VAL B 491 -6.63 -20.27 -14.70
N SER B 492 -5.57 -19.71 -14.02
CA SER B 492 -4.52 -20.45 -13.31
C SER B 492 -5.06 -21.66 -12.58
N ARG B 493 -6.05 -21.48 -11.66
CA ARG B 493 -6.58 -22.59 -10.84
C ARG B 493 -7.05 -23.74 -11.68
N SER B 494 -7.85 -23.42 -12.70
CA SER B 494 -8.45 -24.42 -13.55
C SER B 494 -7.39 -25.10 -14.44
N GLN B 495 -6.52 -24.32 -15.09
CA GLN B 495 -5.44 -24.86 -15.92
C GLN B 495 -4.54 -25.82 -15.12
N ARG B 496 -4.16 -25.44 -13.86
CA ARG B 496 -3.37 -26.23 -12.90
C ARG B 496 -4.03 -27.58 -12.54
N ARG B 497 -5.32 -27.56 -12.14
CA ARG B 497 -6.10 -28.72 -11.69
C ARG B 497 -6.40 -29.64 -12.86
N GLY B 498 -6.61 -29.04 -14.03
CA GLY B 498 -6.69 -29.77 -15.29
C GLY B 498 -5.47 -30.61 -15.64
N ARG B 499 -4.50 -30.72 -14.74
CA ARG B 499 -3.41 -31.66 -14.93
C ARG B 499 -3.73 -33.05 -14.40
N THR B 500 -4.92 -33.20 -13.83
CA THR B 500 -5.47 -34.44 -13.29
C THR B 500 -6.94 -34.53 -13.70
N GLY B 501 -7.46 -35.74 -13.85
CA GLY B 501 -8.86 -35.99 -14.14
C GLY B 501 -9.10 -36.22 -15.62
N ARG B 502 -8.01 -36.30 -16.40
CA ARG B 502 -8.03 -36.44 -17.86
C ARG B 502 -8.51 -37.81 -18.22
N GLY B 503 -9.83 -37.95 -18.32
CA GLY B 503 -10.47 -39.25 -18.56
C GLY B 503 -10.06 -40.36 -17.60
N ARG B 504 -9.67 -39.98 -16.38
CA ARG B 504 -9.35 -40.86 -15.26
C ARG B 504 -9.46 -40.06 -13.98
N ARG B 505 -9.59 -40.71 -12.82
CA ARG B 505 -9.87 -39.98 -11.59
C ARG B 505 -8.59 -39.39 -11.00
N GLY B 506 -8.65 -38.10 -10.65
CA GLY B 506 -7.54 -37.37 -10.04
C GLY B 506 -7.91 -36.70 -8.74
N ILE B 507 -6.89 -36.40 -7.90
CA ILE B 507 -7.04 -35.59 -6.66
C ILE B 507 -6.44 -34.25 -6.95
N TYR B 508 -7.05 -33.20 -6.37
CA TYR B 508 -6.47 -31.88 -6.33
C TYR B 508 -6.37 -31.41 -4.88
N ARG B 509 -5.15 -31.09 -4.43
CA ARG B 509 -4.90 -30.58 -3.09
C ARG B 509 -4.47 -29.14 -3.17
N PHE B 510 -4.93 -28.34 -2.23
CA PHE B 510 -4.74 -26.89 -2.30
C PHE B 510 -4.54 -26.29 -0.94
N VAL B 511 -3.72 -25.21 -0.91
CA VAL B 511 -3.43 -24.42 0.28
C VAL B 511 -4.63 -23.51 0.66
N THR B 512 -5.15 -22.77 -0.32
CA THR B 512 -6.26 -21.83 -0.10
C THR B 512 -7.41 -22.11 -1.07
N PRO B 513 -8.71 -21.89 -0.71
CA PRO B 513 -9.79 -22.15 -1.69
C PRO B 513 -9.91 -21.06 -2.77
N GLY B 514 -9.40 -19.87 -2.45
CA GLY B 514 -9.59 -18.65 -3.23
C GLY B 514 -9.10 -18.63 -4.66
N GLU B 515 -9.66 -17.68 -5.43
CA GLU B 515 -9.30 -17.30 -6.79
C GLU B 515 -9.70 -15.83 -7.06
N ARG B 516 -8.70 -15.02 -7.46
CA ARG B 516 -8.87 -13.70 -8.01
C ARG B 516 -9.56 -13.78 -9.44
N PRO B 517 -10.28 -12.72 -9.92
CA PRO B 517 -10.95 -12.85 -11.24
C PRO B 517 -10.08 -13.04 -12.47
N SER B 518 -10.50 -13.99 -13.30
CA SER B 518 -10.02 -14.27 -14.65
C SER B 518 -10.20 -13.09 -15.66
N GLY B 519 -9.34 -13.02 -16.70
CA GLY B 519 -9.60 -12.28 -17.94
C GLY B 519 -9.07 -10.86 -18.03
N MET B 520 -8.18 -10.49 -17.08
CA MET B 520 -7.53 -9.16 -17.05
C MET B 520 -6.02 -9.37 -17.00
N PHE B 521 -5.27 -8.51 -17.67
CA PHE B 521 -3.82 -8.62 -17.55
C PHE B 521 -3.18 -7.19 -17.31
N ASP B 522 -1.89 -7.11 -16.92
CA ASP B 522 -1.32 -5.83 -16.54
C ASP B 522 -0.72 -5.09 -17.77
N SER B 523 -0.66 -3.71 -17.72
CA SER B 523 0.00 -2.91 -18.75
C SER B 523 1.45 -3.34 -19.08
N SER B 524 2.16 -3.96 -18.09
CA SER B 524 3.50 -4.55 -18.30
C SER B 524 3.52 -5.53 -19.48
N VAL B 525 2.38 -6.28 -19.70
CA VAL B 525 2.24 -7.28 -20.76
C VAL B 525 2.23 -6.57 -22.09
N LEU B 526 1.72 -5.31 -22.13
CA LEU B 526 1.75 -4.52 -23.37
C LEU B 526 3.18 -4.10 -23.65
N CYS B 527 3.91 -3.71 -22.57
CA CYS B 527 5.34 -3.44 -22.65
C CYS B 527 6.14 -4.67 -23.17
N GLU B 528 5.92 -5.84 -22.59
CA GLU B 528 6.40 -7.13 -23.05
C GLU B 528 6.14 -7.35 -24.57
N CYS B 529 4.94 -6.95 -25.07
CA CYS B 529 4.61 -7.08 -26.51
C CYS B 529 5.50 -6.24 -27.40
N TYR B 530 5.73 -4.92 -27.07
CA TYR B 530 6.57 -4.01 -27.84
C TYR B 530 7.97 -4.51 -27.77
N ASP B 531 8.43 -4.92 -26.58
CA ASP B 531 9.77 -5.47 -26.40
C ASP B 531 10.06 -6.64 -27.38
N ALA B 532 9.26 -7.73 -27.28
CA ALA B 532 9.27 -8.92 -28.13
C ALA B 532 9.04 -8.62 -29.60
N GLY B 533 8.18 -7.63 -29.91
CA GLY B 533 8.02 -7.14 -31.26
C GLY B 533 9.37 -6.76 -31.81
N CYS B 534 10.09 -5.89 -31.07
CA CYS B 534 11.39 -5.33 -31.40
C CYS B 534 12.48 -6.39 -31.33
N ALA B 535 12.52 -7.18 -30.24
CA ALA B 535 13.62 -8.13 -30.04
C ALA B 535 13.53 -9.33 -30.99
N TRP B 536 12.32 -9.94 -31.14
CA TRP B 536 12.18 -11.24 -31.79
C TRP B 536 11.67 -11.22 -33.21
N TYR B 537 10.65 -10.37 -33.46
CA TYR B 537 9.82 -10.41 -34.69
C TYR B 537 10.08 -9.24 -35.61
N GLU B 538 11.15 -8.47 -35.35
CA GLU B 538 11.52 -7.34 -36.21
C GLU B 538 10.26 -6.56 -36.62
N LEU B 539 9.49 -6.11 -35.57
CA LEU B 539 8.28 -5.29 -35.64
C LEU B 539 8.57 -3.92 -35.08
N THR B 540 8.20 -2.89 -35.83
CA THR B 540 8.23 -1.50 -35.36
C THR B 540 7.23 -1.30 -34.22
N PRO B 541 7.43 -0.28 -33.36
CA PRO B 541 6.37 0.04 -32.39
C PRO B 541 5.01 0.37 -33.01
N ALA B 542 5.00 1.01 -34.18
CA ALA B 542 3.78 1.29 -34.95
C ALA B 542 3.03 -0.01 -35.40
N GLU B 543 3.76 -1.01 -35.93
CA GLU B 543 3.20 -2.29 -36.33
C GLU B 543 2.71 -3.12 -35.13
N THR B 544 3.47 -3.17 -34.02
CA THR B 544 2.92 -3.74 -32.78
C THR B 544 1.55 -3.10 -32.37
N SER B 545 1.44 -1.73 -32.39
CA SER B 545 0.24 -0.96 -32.05
C SER B 545 -0.98 -1.39 -32.83
N VAL B 546 -0.78 -1.64 -34.17
CA VAL B 546 -1.77 -2.11 -35.16
C VAL B 546 -2.36 -3.45 -34.74
N ARG B 547 -1.48 -4.43 -34.47
CA ARG B 547 -1.76 -5.78 -33.98
C ARG B 547 -2.48 -5.81 -32.61
N LEU B 548 -2.02 -4.99 -31.62
CA LEU B 548 -2.58 -5.03 -30.25
C LEU B 548 -3.98 -4.40 -30.18
N ARG B 549 -4.21 -3.43 -31.07
CA ARG B 549 -5.39 -2.63 -31.15
C ARG B 549 -6.50 -3.53 -31.64
N ALA B 550 -6.22 -4.40 -32.63
CA ALA B 550 -7.13 -5.45 -33.08
C ALA B 550 -7.54 -6.35 -31.90
N TYR B 551 -6.57 -6.82 -31.06
CA TYR B 551 -6.83 -7.66 -29.90
C TYR B 551 -7.73 -6.91 -28.95
N LEU B 552 -7.37 -5.65 -28.66
CA LEU B 552 -8.09 -4.75 -27.77
C LEU B 552 -9.52 -4.49 -28.28
N ASN B 553 -9.69 -4.04 -29.54
CA ASN B 553 -10.98 -3.82 -30.21
C ASN B 553 -11.92 -5.06 -30.40
N THR B 554 -11.42 -6.28 -30.24
CA THR B 554 -12.24 -7.48 -30.38
C THR B 554 -12.84 -7.82 -29.03
N PRO B 555 -14.17 -8.04 -28.96
CA PRO B 555 -14.76 -8.50 -27.70
C PRO B 555 -14.58 -9.99 -27.51
N GLY B 556 -14.62 -10.40 -26.26
CA GLY B 556 -14.60 -11.78 -25.83
C GLY B 556 -13.23 -12.19 -25.40
N LEU B 557 -12.26 -11.27 -25.53
CA LEU B 557 -10.88 -11.54 -25.17
C LEU B 557 -10.55 -10.96 -23.83
N PRO B 558 -9.46 -11.45 -23.18
CA PRO B 558 -8.89 -10.74 -22.05
C PRO B 558 -8.73 -9.23 -22.25
N VAL B 559 -8.76 -8.50 -21.12
CA VAL B 559 -8.80 -7.05 -21.14
C VAL B 559 -7.60 -6.41 -20.40
N CYS B 560 -7.33 -5.16 -20.74
CA CYS B 560 -6.15 -4.42 -20.36
C CYS B 560 -6.42 -2.94 -20.54
N GLN B 561 -5.94 -2.06 -19.62
CA GLN B 561 -5.95 -0.60 -19.82
C GLN B 561 -5.30 -0.22 -21.17
N ASP B 562 -5.90 0.65 -21.91
CA ASP B 562 -5.35 1.00 -23.21
C ASP B 562 -4.25 2.02 -23.02
N HIS B 563 -3.00 1.51 -22.95
CA HIS B 563 -1.78 2.29 -22.86
C HIS B 563 -0.90 2.05 -24.10
N LEU B 564 -1.54 1.80 -25.27
CA LEU B 564 -0.84 1.58 -26.54
C LEU B 564 -0.05 2.79 -26.98
N GLU B 565 -0.63 4.01 -26.95
CA GLU B 565 0.12 5.22 -27.38
C GLU B 565 1.43 5.37 -26.54
N PHE B 566 1.27 5.23 -25.20
CA PHE B 566 2.34 5.34 -24.24
C PHE B 566 3.49 4.43 -24.50
N TRP B 567 3.25 3.13 -24.73
CA TRP B 567 4.35 2.18 -24.88
C TRP B 567 5.02 2.35 -26.25
N GLU B 568 4.19 2.63 -27.28
CA GLU B 568 4.66 2.94 -28.62
C GLU B 568 5.61 4.10 -28.60
N SER B 569 5.23 5.22 -27.90
CA SER B 569 6.09 6.40 -27.77
C SER B 569 7.43 6.04 -27.12
N VAL B 570 7.37 5.22 -26.04
CA VAL B 570 8.57 4.84 -25.29
C VAL B 570 9.51 4.10 -26.24
N PHE B 571 9.11 2.93 -26.80
CA PHE B 571 9.89 2.09 -27.73
C PHE B 571 10.30 2.79 -29.04
N THR B 572 9.42 3.64 -29.62
CA THR B 572 9.71 4.51 -30.75
C THR B 572 11.03 5.36 -30.58
N GLY B 573 11.35 5.77 -29.36
CA GLY B 573 12.54 6.58 -29.19
C GLY B 573 13.78 5.80 -28.79
N LEU B 574 13.64 4.45 -28.65
CA LEU B 574 14.75 3.55 -28.31
C LEU B 574 15.57 3.07 -29.55
N THR B 575 16.39 3.98 -30.12
CA THR B 575 16.98 3.70 -31.44
C THR B 575 18.47 3.41 -31.40
N HIS B 576 18.95 2.66 -32.41
CA HIS B 576 20.34 2.19 -32.53
C HIS B 576 20.77 1.38 -31.31
N ILE B 577 20.01 0.32 -30.93
CA ILE B 577 20.44 -0.68 -29.95
C ILE B 577 21.74 -1.32 -30.42
N ASP B 578 22.59 -1.76 -29.47
CA ASP B 578 23.69 -2.64 -29.83
C ASP B 578 23.14 -4.08 -30.03
N ALA B 579 23.35 -4.64 -31.24
CA ALA B 579 22.82 -5.94 -31.65
C ALA B 579 23.45 -7.11 -30.87
N HIS B 580 24.70 -6.90 -30.45
CA HIS B 580 25.49 -7.88 -29.73
C HIS B 580 24.95 -7.98 -28.31
N PHE B 581 24.65 -6.83 -27.71
CA PHE B 581 23.99 -6.80 -26.41
C PHE B 581 22.61 -7.41 -26.54
N LEU B 582 21.91 -7.14 -27.66
CA LEU B 582 20.59 -7.72 -27.99
C LEU B 582 20.60 -9.24 -28.07
N SER B 583 21.46 -9.80 -28.92
CA SER B 583 21.74 -11.22 -28.99
C SER B 583 21.86 -11.78 -27.56
N GLN B 584 22.72 -11.22 -26.73
CA GLN B 584 23.06 -11.81 -25.45
C GLN B 584 21.92 -11.86 -24.47
N THR B 585 21.10 -10.78 -24.42
CA THR B 585 19.88 -10.68 -23.59
C THR B 585 18.79 -11.62 -24.07
N LYS B 586 18.66 -11.78 -25.40
CA LYS B 586 17.76 -12.76 -26.07
C LYS B 586 18.17 -14.20 -25.78
N GLN B 587 19.47 -14.46 -25.82
CA GLN B 587 20.04 -15.78 -25.66
C GLN B 587 19.76 -16.22 -24.26
N ALA B 588 20.14 -15.40 -23.27
CA ALA B 588 19.93 -15.62 -21.85
C ALA B 588 18.49 -15.98 -21.45
N GLY B 589 17.50 -15.56 -22.24
CA GLY B 589 16.08 -15.70 -21.90
C GLY B 589 15.65 -14.85 -20.70
N ASP B 590 15.97 -13.58 -20.73
CA ASP B 590 15.48 -12.63 -19.75
C ASP B 590 14.14 -12.12 -20.26
N ASN B 591 13.24 -11.68 -19.37
CA ASN B 591 12.11 -10.82 -19.75
C ASN B 591 12.70 -9.50 -20.15
N PHE B 592 12.02 -8.83 -21.08
CA PHE B 592 12.47 -7.54 -21.57
C PHE B 592 13.95 -7.62 -22.03
N PRO B 593 14.27 -8.55 -23.00
CA PRO B 593 15.62 -8.58 -23.55
C PRO B 593 15.95 -7.24 -24.20
N TYR B 594 14.94 -6.57 -24.87
CA TYR B 594 15.11 -5.29 -25.53
C TYR B 594 15.31 -4.12 -24.56
N LEU B 595 14.44 -3.99 -23.52
CA LEU B 595 14.60 -2.98 -22.47
C LEU B 595 15.95 -3.11 -21.76
N VAL B 596 16.38 -4.34 -21.44
CA VAL B 596 17.66 -4.60 -20.77
C VAL B 596 18.87 -4.21 -21.66
N ALA B 597 18.91 -4.70 -22.91
CA ALA B 597 19.95 -4.42 -23.90
C ALA B 597 20.04 -2.95 -24.25
N TYR B 598 18.88 -2.25 -24.31
CA TYR B 598 18.94 -0.84 -24.56
C TYR B 598 19.58 -0.05 -23.40
N GLN B 599 19.25 -0.34 -22.12
CA GLN B 599 20.00 0.22 -20.97
C GLN B 599 21.51 -0.08 -21.11
N ALA B 600 21.86 -1.36 -21.31
CA ALA B 600 23.25 -1.78 -21.60
C ALA B 600 23.93 -0.92 -22.66
N THR B 601 23.25 -0.73 -23.83
CA THR B 601 23.73 0.12 -24.95
C THR B 601 24.04 1.56 -24.49
N VAL B 602 23.04 2.19 -23.86
CA VAL B 602 23.14 3.54 -23.29
C VAL B 602 24.33 3.67 -22.30
N CYS B 603 24.51 2.66 -21.42
CA CYS B 603 25.60 2.63 -20.47
C CYS B 603 26.90 2.56 -21.24
N ALA B 604 27.02 1.62 -22.18
CA ALA B 604 28.24 1.48 -22.96
C ALA B 604 28.65 2.86 -23.55
N ARG B 605 27.75 3.46 -24.36
CA ARG B 605 28.04 4.71 -25.05
C ARG B 605 28.31 5.90 -24.13
N ALA B 606 27.59 5.99 -22.99
CA ALA B 606 27.82 6.98 -21.94
C ALA B 606 29.15 6.76 -21.14
N GLN B 607 29.79 5.57 -21.33
CA GLN B 607 31.00 5.12 -20.64
C GLN B 607 30.76 5.07 -19.14
N ALA B 608 29.54 4.72 -18.72
CA ALA B 608 29.10 4.71 -17.33
C ALA B 608 28.64 3.32 -16.86
N PRO B 609 28.75 2.97 -15.55
CA PRO B 609 28.44 1.60 -15.14
C PRO B 609 26.95 1.29 -15.12
N PRO B 610 26.57 -0.01 -15.05
CA PRO B 610 25.13 -0.36 -15.09
C PRO B 610 24.40 -0.09 -13.78
N PRO B 611 23.03 -0.19 -13.74
CA PRO B 611 22.30 0.11 -12.48
C PRO B 611 22.79 -0.65 -11.27
N SER B 612 23.46 -1.79 -11.50
CA SER B 612 23.99 -2.72 -10.49
C SER B 612 24.76 -3.81 -11.21
N TRP B 613 25.46 -4.66 -10.46
CA TRP B 613 26.22 -5.69 -11.14
C TRP B 613 25.52 -7.08 -11.02
N ASP B 614 24.16 -7.08 -11.02
CA ASP B 614 23.31 -8.27 -11.09
C ASP B 614 23.44 -8.88 -12.49
N GLN B 615 23.09 -10.19 -12.61
CA GLN B 615 23.13 -11.05 -13.81
C GLN B 615 22.42 -10.46 -15.05
N MET B 616 21.39 -9.61 -14.82
CA MET B 616 20.72 -8.80 -15.81
C MET B 616 21.76 -8.06 -16.65
N TRP B 617 22.81 -7.53 -16.01
CA TRP B 617 23.79 -6.65 -16.62
C TRP B 617 25.12 -7.37 -16.93
N LYS B 618 25.05 -8.73 -17.00
CA LYS B 618 26.15 -9.64 -17.36
C LYS B 618 26.92 -9.10 -18.57
N CYS B 619 26.21 -8.79 -19.70
CA CYS B 619 26.75 -8.33 -20.98
C CYS B 619 27.77 -7.16 -20.91
N LEU B 620 27.77 -6.36 -19.81
CA LEU B 620 28.71 -5.23 -19.64
C LEU B 620 29.99 -5.63 -18.85
N ILE B 621 30.06 -6.89 -18.34
CA ILE B 621 31.13 -7.35 -17.44
C ILE B 621 32.53 -7.13 -18.06
N ARG B 622 32.62 -7.19 -19.43
CA ARG B 622 33.83 -6.95 -20.25
C ARG B 622 34.27 -5.49 -20.21
N LEU B 623 33.33 -4.55 -19.97
CA LEU B 623 33.64 -3.12 -19.90
C LEU B 623 33.78 -2.61 -18.45
N LYS B 624 33.57 -3.52 -17.44
CA LYS B 624 33.61 -3.24 -15.98
C LYS B 624 34.82 -2.39 -15.57
N PRO B 625 36.08 -2.71 -15.97
CA PRO B 625 37.20 -1.79 -15.67
C PRO B 625 37.06 -0.34 -16.18
N THR B 626 36.46 -0.08 -17.38
CA THR B 626 36.41 1.32 -17.89
C THR B 626 35.16 2.09 -17.40
N LEU B 627 33.99 1.45 -17.28
CA LEU B 627 32.78 2.13 -16.80
C LEU B 627 32.92 2.64 -15.39
N HIS B 628 32.64 3.95 -15.21
CA HIS B 628 32.68 4.66 -13.93
C HIS B 628 31.68 5.83 -13.97
N GLY B 629 31.28 6.31 -12.79
CA GLY B 629 30.36 7.42 -12.62
C GLY B 629 28.90 7.05 -12.60
N PRO B 630 27.94 8.02 -12.64
CA PRO B 630 26.53 7.63 -12.42
C PRO B 630 25.87 6.98 -13.65
N THR B 631 24.89 6.08 -13.38
CA THR B 631 24.13 5.35 -14.40
C THR B 631 23.26 6.35 -15.18
N PRO B 632 23.36 6.36 -16.52
CA PRO B 632 22.33 7.04 -17.31
C PRO B 632 20.98 6.21 -17.28
N LEU B 633 20.24 6.35 -16.15
CA LEU B 633 19.07 5.54 -15.82
C LEU B 633 17.89 5.91 -16.67
N LEU B 634 17.30 4.90 -17.37
CA LEU B 634 16.17 5.04 -18.29
C LEU B 634 14.82 4.68 -17.63
N TYR B 635 14.83 3.75 -16.67
CA TYR B 635 13.66 3.00 -16.14
C TYR B 635 14.19 1.88 -15.19
N ARG B 636 13.35 1.44 -14.27
CA ARG B 636 13.77 0.52 -13.23
C ARG B 636 13.24 -0.91 -13.57
N LEU B 637 14.15 -1.91 -13.66
CA LEU B 637 13.78 -3.29 -14.04
C LEU B 637 14.04 -4.26 -12.92
N GLY B 638 14.82 -3.78 -11.96
CA GLY B 638 15.11 -4.40 -10.67
C GLY B 638 15.76 -3.36 -9.80
N ALA B 639 16.67 -3.83 -8.90
CA ALA B 639 17.42 -2.97 -7.94
C ALA B 639 18.44 -2.08 -8.61
N VAL B 640 18.54 -0.85 -8.12
CA VAL B 640 19.49 0.17 -8.60
C VAL B 640 20.45 0.46 -7.46
N GLN B 641 21.69 0.03 -7.61
CA GLN B 641 22.65 0.27 -6.57
C GLN B 641 23.63 1.42 -6.88
N ASN B 642 23.88 1.78 -8.15
CA ASN B 642 24.81 2.90 -8.40
C ASN B 642 24.10 4.24 -8.21
N GLU B 643 24.84 5.35 -8.10
CA GLU B 643 24.32 6.72 -8.31
C GLU B 643 23.65 6.80 -9.70
N VAL B 644 22.77 7.76 -9.91
CA VAL B 644 22.13 7.89 -11.21
C VAL B 644 22.26 9.31 -11.71
N THR B 645 22.20 9.47 -13.03
CA THR B 645 22.14 10.78 -13.67
C THR B 645 20.93 10.81 -14.59
N LEU B 646 20.18 11.90 -14.45
CA LEU B 646 18.98 12.13 -15.27
C LEU B 646 19.29 12.96 -16.59
N THR B 647 20.57 13.04 -16.98
CA THR B 647 21.02 13.92 -18.08
C THR B 647 20.98 13.27 -19.43
N HIS B 648 20.87 11.90 -19.54
CA HIS B 648 20.95 11.30 -20.87
C HIS B 648 19.76 11.78 -21.71
N PRO B 649 20.01 12.25 -22.95
CA PRO B 649 18.89 12.58 -23.85
C PRO B 649 17.78 11.53 -23.85
N ILE B 650 18.12 10.21 -23.83
CA ILE B 650 17.15 9.12 -23.81
C ILE B 650 16.26 9.17 -22.53
N THR B 651 16.87 9.23 -21.30
CA THR B 651 16.16 9.42 -20.01
C THR B 651 15.16 10.57 -20.14
N LYS B 652 15.68 11.75 -20.62
CA LYS B 652 14.91 12.95 -20.98
C LYS B 652 13.72 12.65 -21.92
N TYR B 653 13.94 11.88 -23.01
CA TYR B 653 12.85 11.44 -23.91
C TYR B 653 11.74 10.69 -23.15
N ILE B 654 12.11 9.65 -22.31
CA ILE B 654 11.14 8.79 -21.59
C ILE B 654 10.40 9.58 -20.54
N MET B 655 11.09 10.46 -19.81
CA MET B 655 10.48 11.40 -18.84
C MET B 655 9.38 12.23 -19.50
N ALA B 656 9.59 12.63 -20.78
CA ALA B 656 8.62 13.42 -21.50
C ALA B 656 7.43 12.53 -21.88
N CYS B 657 7.69 11.24 -22.20
CA CYS B 657 6.63 10.27 -22.48
C CYS B 657 5.65 10.14 -21.31
N MET B 658 6.13 10.36 -20.04
CA MET B 658 5.33 10.16 -18.82
C MET B 658 4.13 11.15 -18.70
N SER B 659 4.14 12.19 -19.53
CA SER B 659 3.13 13.22 -19.52
C SER B 659 1.90 12.81 -20.32
N ALA B 660 1.93 11.60 -20.94
CA ALA B 660 0.79 11.11 -21.70
C ALA B 660 -0.41 10.91 -20.77
N ASP B 661 -1.65 11.02 -21.30
CA ASP B 661 -2.85 10.66 -20.52
C ASP B 661 -2.83 9.13 -20.32
N LEU B 662 -2.77 8.65 -19.05
CA LEU B 662 -2.89 7.21 -18.79
C LEU B 662 -4.13 6.88 -17.98
N GLU B 663 -4.91 5.92 -18.46
CA GLU B 663 -6.13 5.48 -17.80
C GLU B 663 -5.74 4.50 -16.68
N VAL B 664 -6.07 4.87 -15.47
CA VAL B 664 -5.73 4.04 -14.33
C VAL B 664 -7.02 3.68 -13.63
N VAL B 665 -7.10 2.44 -13.07
CA VAL B 665 -8.32 2.04 -12.37
C VAL B 665 -8.37 2.64 -10.96
N THR B 666 -9.59 2.97 -10.52
CA THR B 666 -9.94 3.56 -9.24
C THR B 666 -10.63 2.55 -8.28
#